data_1HU9
#
_entry.id   1HU9
#
_cell.length_a   112.790
_cell.length_b   137.320
_cell.length_c   61.870
_cell.angle_alpha   90.00
_cell.angle_beta   95.55
_cell.angle_gamma   90.00
#
_symmetry.space_group_name_H-M   'C 1 2 1'
#
loop_
_entity.id
_entity.type
_entity.pdbx_description
1 polymer LIPOXYGENASE-3
2 non-polymer 'FE (III) ION'
3 non-polymer 4-HYDROPEROXY-2-METHOXY-PHENOL
4 water water
#
_entity_poly.entity_id   1
_entity_poly.type   'polypeptide(L)'
_entity_poly.pdbx_seq_one_letter_code
;MLGGLLHRGHKIKGTVVLMRKNVLDVNSVTSVGGIIGQGLDLVGSTLDTLTAFLGRSVSLQLISATKADANGKGKLGKAT
FLEGIITSLPTLGAGQSAFKINFEWDDGSGIPGAFYIKNFMQTEFFLVSLTLEDIPNHGSIHFVCNSWIYNAKLFKSDRI
FFANQTYLPSETPAPLVKYREEELHNLRGDGTGERKEWERIYDYDVYNDLGDPDKGENHARPVLGGNDTFPYPRRGRTGR
KPTRKDPNSESRSNDVYLPRDEAFGHLKSSDFLTYGLKSVSQNVLPLLQSAFDLNFTPREFDSFDEVHGLYSGGIKLPTD
IISKISPLPVLKEIFRTDGEQALKFPPPKVIQVSKSAWMTDEEFAREMLAGVNPNLIRCLKDFPPRSKLDSQVYGDHTSQ
ITKEHLEPNLEGLTVDEAIQNKRLFLLDHHDPIMPYLRRINATSTKAYATRTILFLKNDGTLRPLAIELSLPHPQGDQSG
AFSQVFLPADEGVESSIWLLAKAYVVVNDSCYHQLVSHWLNTHAVVEPFIIATNRHLSVVHPIYKLLHPHYRDTMNINGL
ARLSLVNDGGVIEQTFLWGRYSVEMSAVVYKDWVFTDQALPADLIKRGMAIEDPSCPHGIRLVIEDYPYTVDGLEIWDAI
KTWVHEYVFLYYKSDDTLREDPELQACWKELVEVGHGDKKNEPWWPKMQTREELVEACAIIIWTASALHAAVNFGQYPYG
GLILNRPTLSRRFMPEKGSAEYEELRKNPQKAYLKTITPKFQTLIDLSVIEILSRHASDEVYLGERDNPNWTSDTRALEA
FKRFGNKLAQIENKLSERNNDEKLRNRCGPVQMPYTLLLPSSKEGLTFRGIPNSISI
;
_entity_poly.pdbx_strand_id   A
#
loop_
_chem_comp.id
_chem_comp.type
_chem_comp.name
_chem_comp.formula
4HM non-polymer 4-HYDROPEROXY-2-METHOXY-PHENOL 'C7 H8 O4'
FE non-polymer 'FE (III) ION' 'Fe 3'
#
# COMPACT_ATOMS: atom_id res chain seq x y z
N GLY A 9 -15.88 36.20 -35.60
CA GLY A 9 -16.26 34.76 -35.68
C GLY A 9 -17.30 34.36 -34.64
N HIS A 10 -16.89 34.41 -33.37
CA HIS A 10 -17.75 34.07 -32.24
C HIS A 10 -17.02 34.32 -30.91
N LYS A 11 -17.61 33.81 -29.83
CA LYS A 11 -17.06 33.96 -28.49
C LYS A 11 -17.50 32.76 -27.65
N ILE A 12 -16.61 31.76 -27.56
CA ILE A 12 -16.87 30.53 -26.82
C ILE A 12 -17.03 30.72 -25.31
N LYS A 13 -18.03 30.04 -24.74
CA LYS A 13 -18.32 30.11 -23.31
C LYS A 13 -17.59 29.04 -22.48
N GLY A 14 -16.72 29.49 -21.59
CA GLY A 14 -15.99 28.57 -20.74
C GLY A 14 -16.22 28.79 -19.26
N THR A 15 -16.29 27.70 -18.50
CA THR A 15 -16.45 27.79 -17.05
C THR A 15 -15.31 27.01 -16.37
N VAL A 16 -14.49 27.76 -15.62
CA VAL A 16 -13.34 27.22 -14.90
C VAL A 16 -13.65 26.86 -13.46
N VAL A 17 -13.29 25.65 -13.06
CA VAL A 17 -13.52 25.24 -11.68
C VAL A 17 -12.17 25.02 -11.01
N LEU A 18 -11.96 25.66 -9.85
CA LEU A 18 -10.72 25.47 -9.12
C LEU A 18 -10.95 25.41 -7.62
N MET A 19 -9.85 25.21 -6.89
CA MET A 19 -9.86 25.15 -5.45
C MET A 19 -8.68 25.97 -4.97
N ARG A 20 -8.89 26.75 -3.92
CA ARG A 20 -7.83 27.59 -3.35
C ARG A 20 -7.00 26.74 -2.39
N LYS A 21 -5.73 27.11 -2.23
CA LYS A 21 -4.80 26.41 -1.36
C LYS A 21 -5.33 26.21 0.07
N ASN A 22 -6.08 27.19 0.56
CA ASN A 22 -6.64 27.15 1.91
C ASN A 22 -7.51 25.95 2.18
N VAL A 23 -8.24 25.53 1.16
CA VAL A 23 -9.16 24.41 1.21
C VAL A 23 -8.48 23.05 1.36
N LEU A 24 -7.41 22.83 0.61
CA LEU A 24 -6.69 21.56 0.60
C LEU A 24 -5.45 21.44 1.50
N ASP A 25 -4.85 22.58 1.86
CA ASP A 25 -3.64 22.63 2.70
C ASP A 25 -3.87 22.26 4.16
N VAL A 26 -3.06 21.36 4.69
CA VAL A 26 -3.20 20.91 6.08
C VAL A 26 -3.02 22.00 7.13
N ASN A 27 -2.02 22.85 6.92
CA ASN A 27 -1.69 23.93 7.84
C ASN A 27 -2.86 24.91 8.08
N SER A 28 -3.73 25.05 7.08
CA SER A 28 -4.86 25.96 7.21
C SER A 28 -6.23 25.28 7.34
N VAL A 29 -6.27 23.98 7.05
CA VAL A 29 -7.51 23.22 7.13
C VAL A 29 -7.62 22.38 8.40
N THR A 30 -6.77 22.67 9.37
CA THR A 30 -6.76 21.95 10.64
C THR A 30 -7.96 22.34 11.53
N SER A 31 -8.88 23.12 10.95
CA SER A 31 -10.08 23.60 11.64
C SER A 31 -11.31 22.69 11.43
N VAL A 32 -11.48 22.17 10.20
CA VAL A 32 -12.59 21.28 9.87
C VAL A 32 -12.19 19.81 9.78
N GLY A 33 -12.89 18.97 10.55
CA GLY A 33 -12.62 17.54 10.56
C GLY A 33 -13.79 16.75 11.13
N GLY A 34 -14.83 17.48 11.56
CA GLY A 34 -16.01 16.85 12.11
C GLY A 34 -17.00 16.42 11.05
N ILE A 35 -16.99 17.14 9.92
CA ILE A 35 -17.85 16.86 8.77
C ILE A 35 -17.40 17.63 7.53
N ILE A 36 -17.38 16.97 6.37
CA ILE A 36 -16.97 17.60 5.11
C ILE A 36 -17.86 17.25 3.91
N GLY A 37 -17.81 18.13 2.91
CA GLY A 37 -18.64 17.96 1.72
C GLY A 37 -19.79 18.93 1.87
N GLN A 38 -20.12 19.25 3.12
CA GLN A 38 -21.20 20.18 3.45
C GLN A 38 -20.68 21.53 3.94
N GLY A 39 -21.61 22.44 4.19
CA GLY A 39 -21.28 23.78 4.64
C GLY A 39 -21.59 24.73 3.50
N LEU A 40 -22.81 24.59 2.96
CA LEU A 40 -23.31 25.38 1.83
C LEU A 40 -22.49 25.08 0.56
N ASP A 41 -21.67 24.02 0.65
CA ASP A 41 -20.80 23.56 -0.44
C ASP A 41 -20.06 24.70 -1.11
N LEU A 42 -19.27 25.44 -0.31
CA LEU A 42 -18.48 26.59 -0.76
C LEU A 42 -18.73 26.96 -2.22
N VAL A 43 -19.89 27.57 -2.46
CA VAL A 43 -20.29 27.99 -3.80
C VAL A 43 -19.31 29.00 -4.42
N GLY A 44 -18.27 29.33 -3.66
CA GLY A 44 -17.27 30.26 -4.11
C GLY A 44 -17.60 31.71 -3.84
N SER A 45 -18.78 32.15 -4.29
CA SER A 45 -19.22 33.54 -4.13
C SER A 45 -19.18 34.13 -2.71
N THR A 46 -19.93 33.54 -1.77
CA THR A 46 -19.97 34.00 -0.38
C THR A 46 -18.55 34.18 0.19
N LEU A 47 -18.33 35.27 0.92
CA LEU A 47 -17.02 35.58 1.51
C LEU A 47 -16.05 35.71 0.34
N ASP A 48 -16.39 36.59 -0.60
CA ASP A 48 -15.61 36.80 -1.80
C ASP A 48 -14.20 37.33 -1.62
N THR A 49 -13.27 36.42 -1.89
CA THR A 49 -11.85 36.66 -1.85
C THR A 49 -11.44 36.26 -3.26
N LEU A 50 -12.42 35.73 -3.99
CA LEU A 50 -12.27 35.26 -5.36
C LEU A 50 -12.04 36.38 -6.35
N THR A 51 -12.34 37.62 -5.96
CA THR A 51 -12.12 38.76 -6.84
C THR A 51 -10.62 38.78 -7.15
N ALA A 52 -9.84 38.17 -6.27
CA ALA A 52 -8.40 38.08 -6.41
C ALA A 52 -8.00 37.42 -7.73
N PHE A 53 -8.80 36.45 -8.18
CA PHE A 53 -8.51 35.75 -9.42
C PHE A 53 -8.92 36.57 -10.64
N LEU A 54 -9.74 37.59 -10.39
CA LEU A 54 -10.22 38.46 -11.45
C LEU A 54 -9.13 39.50 -11.77
N GLY A 55 -9.31 40.19 -12.88
CA GLY A 55 -8.33 41.18 -13.27
C GLY A 55 -7.25 40.51 -14.08
N ARG A 56 -6.01 40.91 -13.85
CA ARG A 56 -4.87 40.34 -14.58
C ARG A 56 -4.20 39.18 -13.83
N SER A 57 -5.00 38.40 -13.11
CA SER A 57 -4.50 37.29 -12.30
C SER A 57 -4.21 35.94 -12.98
N VAL A 58 -5.16 35.44 -13.77
CA VAL A 58 -5.02 34.14 -14.45
C VAL A 58 -5.44 34.20 -15.91
N SER A 59 -4.60 33.68 -16.80
CA SER A 59 -4.93 33.69 -18.24
C SER A 59 -4.91 32.32 -18.93
N LEU A 60 -5.93 32.08 -19.75
CA LEU A 60 -6.05 30.84 -20.50
C LEU A 60 -5.93 31.09 -22.01
N GLN A 61 -5.39 30.10 -22.72
CA GLN A 61 -5.20 30.22 -24.15
C GLN A 61 -5.49 28.90 -24.86
N LEU A 62 -6.51 28.91 -25.71
CA LEU A 62 -6.91 27.71 -26.44
C LEU A 62 -5.95 27.32 -27.56
N ILE A 63 -5.75 26.01 -27.70
CA ILE A 63 -4.89 25.46 -28.71
C ILE A 63 -5.80 24.64 -29.62
N SER A 64 -5.81 24.99 -30.90
CA SER A 64 -6.66 24.29 -31.88
C SER A 64 -6.12 22.90 -32.19
N ALA A 65 -7.01 21.92 -32.17
CA ALA A 65 -6.64 20.55 -32.47
C ALA A 65 -6.84 20.25 -33.95
N THR A 66 -7.38 21.22 -34.68
CA THR A 66 -7.66 21.04 -36.11
C THR A 66 -6.92 22.01 -37.05
N LYS A 67 -6.56 23.18 -36.54
CA LYS A 67 -5.85 24.18 -37.34
C LYS A 67 -4.39 24.28 -36.89
N ALA A 68 -3.46 24.00 -37.82
CA ALA A 68 -2.04 24.06 -37.53
C ALA A 68 -1.36 25.27 -38.18
N ASP A 69 -0.46 25.92 -37.45
CA ASP A 69 0.25 27.10 -37.95
C ASP A 69 1.35 26.78 -38.97
N ALA A 70 2.39 27.61 -38.99
CA ALA A 70 3.52 27.47 -39.90
C ALA A 70 4.01 26.04 -40.06
N ASN A 71 4.45 25.43 -38.96
CA ASN A 71 4.93 24.05 -39.00
C ASN A 71 3.76 23.06 -39.02
N GLY A 72 3.28 22.71 -37.82
CA GLY A 72 2.18 21.77 -37.71
C GLY A 72 1.56 21.80 -36.33
N LYS A 73 1.97 22.78 -35.53
CA LYS A 73 1.46 22.94 -34.17
C LYS A 73 0.17 23.73 -34.17
N GLY A 74 -0.80 23.25 -33.40
CA GLY A 74 -2.09 23.91 -33.31
C GLY A 74 -2.05 25.40 -33.05
N LYS A 75 -3.00 26.12 -33.64
CA LYS A 75 -3.10 27.58 -33.51
C LYS A 75 -3.70 27.99 -32.16
N LEU A 76 -3.00 28.89 -31.47
CA LEU A 76 -3.42 29.40 -30.16
C LEU A 76 -4.18 30.73 -30.23
N GLY A 77 -5.34 30.76 -29.59
CA GLY A 77 -6.18 31.94 -29.65
C GLY A 77 -6.37 32.95 -28.52
N LYS A 78 -5.46 33.92 -28.45
CA LYS A 78 -5.54 35.02 -27.48
C LYS A 78 -5.63 34.68 -26.00
N ALA A 79 -4.63 35.10 -25.24
CA ALA A 79 -4.63 34.85 -23.79
C ALA A 79 -5.79 35.66 -23.23
N THR A 80 -6.73 34.95 -22.63
CA THR A 80 -7.92 35.55 -22.05
C THR A 80 -7.83 35.42 -20.54
N PHE A 81 -8.26 36.45 -19.82
CA PHE A 81 -8.23 36.42 -18.37
C PHE A 81 -9.60 36.07 -17.78
N LEU A 82 -9.60 35.64 -16.52
CA LEU A 82 -10.84 35.28 -15.83
C LEU A 82 -11.75 36.49 -15.64
N GLU A 83 -13.01 36.37 -16.08
CA GLU A 83 -13.95 37.47 -15.93
C GLU A 83 -15.18 37.09 -15.13
N GLY A 84 -15.20 37.45 -13.85
CA GLY A 84 -16.36 37.15 -13.04
C GLY A 84 -16.49 35.77 -12.42
N ILE A 85 -17.20 35.76 -11.32
CA ILE A 85 -17.45 34.58 -10.53
C ILE A 85 -18.82 34.02 -10.84
N ILE A 86 -18.93 32.70 -10.86
CA ILE A 86 -20.19 32.05 -11.07
C ILE A 86 -20.58 31.61 -9.67
N THR A 87 -21.61 32.26 -9.15
CA THR A 87 -22.11 32.01 -7.80
C THR A 87 -22.51 30.59 -7.41
N SER A 88 -23.30 29.92 -8.22
CA SER A 88 -23.73 28.59 -7.81
C SER A 88 -23.35 27.39 -8.66
N LEU A 89 -24.12 27.08 -9.70
CA LEU A 89 -23.86 25.92 -10.57
C LEU A 89 -24.36 24.59 -9.94
N PRO A 90 -25.20 23.83 -10.68
CA PRO A 90 -25.81 22.54 -10.30
C PRO A 90 -24.89 21.49 -9.72
N THR A 91 -23.66 21.47 -10.21
CA THR A 91 -22.69 20.47 -9.76
C THR A 91 -21.42 21.08 -9.12
N LEU A 92 -21.59 22.21 -8.42
CA LEU A 92 -20.49 22.92 -7.77
C LEU A 92 -19.74 22.11 -6.70
N GLY A 93 -20.40 21.71 -5.61
CA GLY A 93 -19.68 20.94 -4.59
C GLY A 93 -18.68 21.70 -3.71
N ALA A 94 -18.41 21.14 -2.54
CA ALA A 94 -17.51 21.73 -1.55
C ALA A 94 -16.08 22.10 -1.93
N GLY A 95 -15.67 23.30 -1.49
CA GLY A 95 -14.34 23.81 -1.75
C GLY A 95 -14.04 24.34 -3.14
N GLN A 96 -14.98 24.17 -4.06
CA GLN A 96 -14.80 24.62 -5.44
C GLN A 96 -15.35 26.00 -5.73
N SER A 97 -14.66 26.70 -6.62
CA SER A 97 -15.04 28.04 -7.04
C SER A 97 -15.09 28.08 -8.57
N ALA A 98 -16.23 28.47 -9.13
CA ALA A 98 -16.35 28.56 -10.58
C ALA A 98 -16.15 30.00 -11.05
N PHE A 99 -15.67 30.14 -12.30
CA PHE A 99 -15.41 31.44 -12.90
C PHE A 99 -15.85 31.39 -14.36
N LYS A 100 -16.36 32.50 -14.88
CA LYS A 100 -16.77 32.56 -16.28
C LYS A 100 -15.60 33.15 -17.05
N ILE A 101 -15.47 32.78 -18.31
CA ILE A 101 -14.41 33.29 -19.15
C ILE A 101 -14.77 32.97 -20.60
N ASN A 102 -14.99 34.02 -21.38
CA ASN A 102 -15.34 33.85 -22.79
C ASN A 102 -14.12 34.08 -23.63
N PHE A 103 -13.95 33.25 -24.66
CA PHE A 103 -12.79 33.37 -25.53
C PHE A 103 -13.13 33.81 -26.95
N GLU A 104 -12.25 34.65 -27.50
CA GLU A 104 -12.39 35.17 -28.86
C GLU A 104 -11.98 34.03 -29.79
N TRP A 105 -12.95 33.43 -30.44
CA TRP A 105 -12.66 32.32 -31.33
C TRP A 105 -13.49 32.48 -32.60
N ASP A 106 -12.83 32.36 -33.75
CA ASP A 106 -13.52 32.49 -35.03
C ASP A 106 -14.05 31.16 -35.54
N ASP A 107 -14.89 31.22 -36.55
CA ASP A 107 -15.46 30.02 -37.14
C ASP A 107 -14.36 29.22 -37.85
N GLY A 108 -13.37 29.93 -38.37
CA GLY A 108 -12.27 29.28 -39.07
C GLY A 108 -11.07 28.96 -38.20
N SER A 109 -11.27 28.87 -36.89
CA SER A 109 -10.17 28.56 -35.96
C SER A 109 -10.12 27.08 -35.57
N GLY A 110 -11.12 26.31 -36.01
CA GLY A 110 -11.15 24.89 -35.71
C GLY A 110 -11.74 24.57 -34.36
N ILE A 111 -11.50 23.33 -33.92
CA ILE A 111 -11.99 22.84 -32.65
C ILE A 111 -10.86 22.84 -31.60
N PRO A 112 -11.11 23.42 -30.41
CA PRO A 112 -10.09 23.47 -29.36
C PRO A 112 -9.81 22.05 -28.89
N GLY A 113 -8.60 21.78 -28.45
CA GLY A 113 -8.29 20.43 -27.99
C GLY A 113 -7.37 20.40 -26.81
N ALA A 114 -6.87 21.58 -26.46
CA ALA A 114 -5.96 21.76 -25.35
C ALA A 114 -5.89 23.24 -25.03
N PHE A 115 -5.37 23.57 -23.87
CA PHE A 115 -5.22 24.96 -23.49
C PHE A 115 -4.01 25.15 -22.58
N TYR A 116 -3.53 26.40 -22.53
CA TYR A 116 -2.41 26.78 -21.69
C TYR A 116 -3.01 27.63 -20.58
N ILE A 117 -2.35 27.64 -19.42
CA ILE A 117 -2.81 28.46 -18.31
C ILE A 117 -1.61 29.15 -17.64
N LYS A 118 -1.79 30.41 -17.26
CA LYS A 118 -0.76 31.18 -16.58
C LYS A 118 -1.33 31.67 -15.27
N ASN A 119 -0.60 31.45 -14.17
CA ASN A 119 -1.02 31.90 -12.84
C ASN A 119 -0.10 33.04 -12.39
N PHE A 120 -0.61 34.27 -12.38
CA PHE A 120 0.18 35.43 -12.00
C PHE A 120 -0.02 35.81 -10.53
N MET A 121 -0.67 34.93 -9.77
CA MET A 121 -1.00 35.19 -8.38
C MET A 121 -0.01 34.99 -7.23
N GLN A 122 1.13 34.36 -7.46
CA GLN A 122 2.08 34.16 -6.37
C GLN A 122 1.58 33.27 -5.23
N THR A 123 0.57 32.45 -5.52
CA THR A 123 -0.01 31.50 -4.58
C THR A 123 -0.76 30.50 -5.42
N GLU A 124 -0.23 29.28 -5.47
CA GLU A 124 -0.82 28.21 -6.27
C GLU A 124 -2.25 27.85 -5.89
N PHE A 125 -2.98 27.31 -6.86
CA PHE A 125 -4.34 26.85 -6.64
C PHE A 125 -4.47 25.50 -7.33
N PHE A 126 -5.48 24.73 -6.96
CA PHE A 126 -5.70 23.43 -7.57
C PHE A 126 -6.75 23.59 -8.67
N LEU A 127 -6.31 23.51 -9.93
CA LEU A 127 -7.21 23.62 -11.07
C LEU A 127 -7.97 22.30 -11.13
N VAL A 128 -9.29 22.37 -11.21
CA VAL A 128 -10.09 21.15 -11.28
C VAL A 128 -10.50 20.79 -12.72
N SER A 129 -11.22 21.70 -13.38
CA SER A 129 -11.70 21.46 -14.74
C SER A 129 -11.98 22.74 -15.54
N LEU A 130 -12.30 22.54 -16.81
CA LEU A 130 -12.68 23.61 -17.73
C LEU A 130 -13.70 22.99 -18.69
N THR A 131 -14.82 23.68 -18.88
CA THR A 131 -15.85 23.20 -19.80
C THR A 131 -16.07 24.29 -20.84
N LEU A 132 -16.25 23.90 -22.09
CA LEU A 132 -16.46 24.87 -23.15
C LEU A 132 -17.79 24.60 -23.82
N GLU A 133 -18.57 25.66 -24.03
CA GLU A 133 -19.86 25.56 -24.69
C GLU A 133 -19.69 26.11 -26.10
N ASP A 134 -19.11 25.25 -26.94
CA ASP A 134 -18.77 25.44 -28.35
C ASP A 134 -19.61 26.34 -29.26
N ILE A 135 -19.30 26.32 -30.56
CA ILE A 135 -20.01 27.11 -31.58
C ILE A 135 -20.72 26.23 -32.63
N PRO A 136 -19.97 25.59 -33.56
CA PRO A 136 -20.66 24.75 -34.57
C PRO A 136 -21.41 23.56 -33.97
N ASN A 137 -21.90 22.69 -34.85
CA ASN A 137 -22.65 21.50 -34.44
C ASN A 137 -21.91 20.59 -33.46
N HIS A 138 -20.71 21.00 -33.05
CA HIS A 138 -19.90 20.23 -32.11
C HIS A 138 -20.33 20.52 -30.67
N GLY A 139 -20.49 19.46 -29.88
CA GLY A 139 -20.91 19.59 -28.50
C GLY A 139 -19.91 20.19 -27.51
N SER A 140 -20.29 20.16 -26.23
CA SER A 140 -19.46 20.70 -25.15
C SER A 140 -18.20 19.90 -24.97
N ILE A 141 -17.07 20.61 -24.86
CA ILE A 141 -15.78 19.97 -24.65
C ILE A 141 -15.44 20.07 -23.17
N HIS A 142 -14.95 18.99 -22.59
CA HIS A 142 -14.58 18.99 -21.19
C HIS A 142 -13.09 18.69 -21.00
N PHE A 143 -12.45 19.44 -20.11
CA PHE A 143 -11.05 19.26 -19.78
C PHE A 143 -10.93 18.88 -18.29
N VAL A 144 -10.52 17.66 -17.98
CA VAL A 144 -10.36 17.27 -16.59
C VAL A 144 -8.89 17.49 -16.22
N CYS A 145 -8.65 18.43 -15.31
CA CYS A 145 -7.29 18.82 -14.91
C CYS A 145 -6.71 18.24 -13.64
N ASN A 146 -7.32 18.55 -12.49
CA ASN A 146 -6.87 18.07 -11.18
C ASN A 146 -5.35 18.22 -11.00
N SER A 147 -4.86 19.45 -11.09
CA SER A 147 -3.44 19.71 -10.98
C SER A 147 -3.20 21.05 -10.31
N TRP A 148 -2.07 21.18 -9.61
CA TRP A 148 -1.73 22.43 -8.93
C TRP A 148 -1.07 23.36 -9.92
N ILE A 149 -1.55 24.60 -9.97
CA ILE A 149 -1.00 25.59 -10.89
C ILE A 149 -0.18 26.59 -10.09
N TYR A 150 1.14 26.53 -10.25
CA TYR A 150 2.05 27.44 -9.56
C TYR A 150 2.32 28.68 -10.42
N ASN A 151 2.89 29.71 -9.80
CA ASN A 151 3.21 30.95 -10.48
C ASN A 151 3.87 30.76 -11.86
N ALA A 152 3.39 31.55 -12.84
CA ALA A 152 3.83 31.50 -14.22
C ALA A 152 5.31 31.67 -14.55
N LYS A 153 6.07 32.38 -13.73
CA LYS A 153 7.49 32.60 -14.01
C LYS A 153 8.42 31.43 -13.61
N LEU A 154 7.92 30.50 -12.82
CA LEU A 154 8.69 29.34 -12.36
C LEU A 154 8.80 28.20 -13.37
N PHE A 155 8.07 28.27 -14.48
CA PHE A 155 8.08 27.16 -15.42
C PHE A 155 8.86 27.19 -16.72
N LYS A 156 8.89 28.33 -17.41
CA LYS A 156 9.61 28.45 -18.68
C LYS A 156 8.90 27.80 -19.88
N SER A 157 8.02 26.84 -19.62
CA SER A 157 7.31 26.16 -20.70
C SER A 157 5.80 26.39 -20.76
N ASP A 158 5.17 26.71 -19.63
CA ASP A 158 3.72 26.96 -19.55
C ASP A 158 2.85 25.70 -19.49
N ARG A 159 2.09 25.57 -18.40
CA ARG A 159 1.21 24.43 -18.17
C ARG A 159 0.21 24.21 -19.30
N ILE A 160 0.03 22.95 -19.69
CA ILE A 160 -0.87 22.59 -20.77
C ILE A 160 -1.80 21.46 -20.36
N PHE A 161 -3.06 21.57 -20.80
CA PHE A 161 -4.08 20.56 -20.49
C PHE A 161 -4.85 20.12 -21.73
N PHE A 162 -5.11 18.83 -21.81
CA PHE A 162 -5.82 18.24 -22.94
C PHE A 162 -7.27 17.89 -22.61
N ALA A 163 -8.14 17.97 -23.62
CA ALA A 163 -9.54 17.67 -23.42
C ALA A 163 -9.79 16.19 -23.20
N ASN A 164 -11.04 15.90 -22.87
CA ASN A 164 -11.60 14.58 -22.58
C ASN A 164 -11.17 13.42 -23.43
N GLN A 165 -11.07 13.67 -24.74
CA GLN A 165 -10.73 12.68 -25.75
C GLN A 165 -9.47 11.85 -25.54
N THR A 166 -9.64 10.53 -25.54
CA THR A 166 -8.54 9.61 -25.38
C THR A 166 -8.06 9.17 -26.77
N TYR A 167 -6.77 9.38 -27.04
CA TYR A 167 -6.16 9.05 -28.33
C TYR A 167 -4.98 8.09 -28.19
N LEU A 168 -4.89 7.12 -29.09
CA LEU A 168 -3.76 6.18 -29.09
C LEU A 168 -2.50 6.99 -29.41
N PRO A 169 -1.30 6.45 -29.09
CA PRO A 169 0.02 7.06 -29.31
C PRO A 169 0.23 7.69 -30.65
N SER A 170 -0.75 7.53 -31.54
CA SER A 170 -0.66 8.15 -32.84
C SER A 170 -0.55 9.65 -32.51
N GLU A 171 -1.02 10.02 -31.32
CA GLU A 171 -1.07 11.39 -30.80
C GLU A 171 -2.16 12.10 -31.61
N THR A 172 -2.92 11.25 -32.30
CA THR A 172 -3.98 11.57 -33.24
C THR A 172 -4.02 13.00 -33.84
N PRO A 173 -4.84 13.94 -33.34
CA PRO A 173 -4.83 15.26 -33.98
C PRO A 173 -3.44 15.80 -34.33
N ALA A 174 -3.18 15.94 -35.63
CA ALA A 174 -1.90 16.42 -36.11
C ALA A 174 -1.44 17.72 -35.46
N PRO A 175 -2.35 18.71 -35.34
CA PRO A 175 -1.95 19.96 -34.71
C PRO A 175 -1.57 19.75 -33.25
N LEU A 176 -2.01 18.64 -32.69
CA LEU A 176 -1.77 18.26 -31.29
C LEU A 176 -0.57 17.34 -31.05
N VAL A 177 -0.09 16.69 -32.10
CA VAL A 177 1.04 15.78 -31.98
C VAL A 177 2.29 16.32 -31.26
N LYS A 178 2.82 17.46 -31.69
CA LYS A 178 4.01 18.01 -31.03
C LYS A 178 3.78 18.50 -29.59
N TYR A 179 2.53 18.78 -29.25
CA TYR A 179 2.19 19.21 -27.90
C TYR A 179 2.19 17.98 -26.97
N ARG A 180 1.81 16.84 -27.53
CA ARG A 180 1.76 15.60 -26.77
C ARG A 180 3.16 15.08 -26.41
N GLU A 181 4.07 15.07 -27.38
CA GLU A 181 5.42 14.60 -27.12
C GLU A 181 6.26 15.60 -26.31
N GLU A 182 5.91 16.87 -26.39
CA GLU A 182 6.63 17.91 -25.67
C GLU A 182 6.42 17.85 -24.17
N GLU A 183 5.16 17.72 -23.73
CA GLU A 183 4.87 17.66 -22.30
C GLU A 183 5.45 16.41 -21.67
N LEU A 184 5.41 15.32 -22.41
CA LEU A 184 5.94 14.03 -21.97
C LEU A 184 7.43 14.26 -21.68
N HIS A 185 8.07 15.01 -22.56
CA HIS A 185 9.48 15.37 -22.45
C HIS A 185 9.68 16.25 -21.22
N ASN A 186 8.67 17.04 -20.91
CA ASN A 186 8.74 17.91 -19.74
C ASN A 186 8.61 17.08 -18.49
N LEU A 187 7.86 15.98 -18.57
CA LEU A 187 7.66 15.09 -17.43
C LEU A 187 8.92 14.31 -17.07
N ARG A 188 9.75 13.99 -18.05
CA ARG A 188 10.97 13.24 -17.76
C ARG A 188 12.01 14.20 -17.19
N GLY A 189 12.04 15.40 -17.77
CA GLY A 189 12.94 16.46 -17.34
C GLY A 189 14.40 16.15 -17.08
N ASP A 190 14.97 15.18 -17.77
CA ASP A 190 16.39 14.84 -17.57
C ASP A 190 16.65 14.26 -16.16
N GLY A 191 17.91 13.96 -15.85
CA GLY A 191 18.24 13.39 -14.56
C GLY A 191 19.27 14.14 -13.74
N THR A 192 19.30 15.46 -13.86
CA THR A 192 20.26 16.23 -13.08
C THR A 192 19.53 17.26 -12.25
N GLY A 193 20.18 17.77 -11.22
CA GLY A 193 19.58 18.79 -10.40
C GLY A 193 18.72 18.30 -9.25
N GLU A 194 18.55 19.17 -8.26
CA GLU A 194 17.77 18.89 -7.08
C GLU A 194 16.32 19.30 -7.35
N ARG A 195 15.40 18.39 -7.02
CA ARG A 195 13.98 18.63 -7.23
C ARG A 195 13.34 19.56 -6.21
N LYS A 196 12.54 20.50 -6.72
CA LYS A 196 11.81 21.47 -5.90
C LYS A 196 10.32 21.10 -5.82
N GLU A 197 9.67 21.55 -4.75
CA GLU A 197 8.24 21.27 -4.46
C GLU A 197 7.24 21.43 -5.61
N TRP A 198 7.44 22.47 -6.43
CA TRP A 198 6.57 22.78 -7.56
C TRP A 198 6.79 21.98 -8.83
N GLU A 199 7.88 21.21 -8.88
CA GLU A 199 8.21 20.43 -10.05
C GLU A 199 7.40 19.16 -10.26
N ARG A 200 7.26 18.77 -11.53
CA ARG A 200 6.53 17.59 -11.94
C ARG A 200 7.48 16.78 -12.80
N ILE A 201 8.62 16.41 -12.22
CA ILE A 201 9.62 15.64 -12.93
C ILE A 201 9.73 14.24 -12.35
N TYR A 202 9.39 13.23 -13.16
CA TYR A 202 9.43 11.85 -12.75
C TYR A 202 10.70 11.20 -13.27
N ASP A 203 11.43 10.58 -12.36
CA ASP A 203 12.70 9.92 -12.70
C ASP A 203 12.99 8.95 -11.57
N TYR A 204 13.90 8.01 -11.83
CA TYR A 204 14.28 6.98 -10.87
C TYR A 204 15.60 7.25 -10.15
N ASP A 205 15.82 6.50 -9.08
CA ASP A 205 17.04 6.57 -8.30
C ASP A 205 16.98 5.34 -7.40
N VAL A 206 18.14 4.94 -6.87
CA VAL A 206 18.20 3.79 -5.99
C VAL A 206 17.89 4.17 -4.55
N TYR A 207 17.65 3.16 -3.70
CA TYR A 207 17.37 3.42 -2.30
C TYR A 207 18.69 3.66 -1.59
N ASN A 208 19.12 4.93 -1.61
CA ASN A 208 20.38 5.36 -0.98
C ASN A 208 20.17 6.49 0.01
N ASP A 209 18.92 6.67 0.45
CA ASP A 209 18.59 7.75 1.36
C ASP A 209 17.95 7.26 2.65
N LEU A 210 18.09 5.96 2.95
CA LEU A 210 17.50 5.40 4.17
C LEU A 210 18.34 5.51 5.45
N GLY A 211 19.67 5.57 5.29
CA GLY A 211 20.53 5.70 6.46
C GLY A 211 21.07 7.12 6.58
N ASP A 212 21.80 7.38 7.67
CA ASP A 212 22.40 8.70 7.90
C ASP A 212 23.90 8.54 8.22
N PRO A 213 24.74 8.36 7.18
CA PRO A 213 26.20 8.18 7.24
C PRO A 213 26.97 9.27 7.97
N ASP A 214 26.54 10.52 7.79
CA ASP A 214 27.19 11.66 8.44
C ASP A 214 27.05 11.62 9.96
N LYS A 215 25.89 11.20 10.44
CA LYS A 215 25.63 11.11 11.88
C LYS A 215 26.37 9.91 12.48
N GLY A 216 27.03 9.12 11.63
CA GLY A 216 27.76 7.98 12.14
C GLY A 216 27.93 6.82 11.18
N GLU A 217 28.63 5.80 11.69
CA GLU A 217 28.91 4.58 10.95
C GLU A 217 27.83 3.59 11.36
N ASN A 218 27.32 3.82 12.55
CA ASN A 218 26.28 3.01 13.12
C ASN A 218 24.98 3.30 12.36
N HIS A 219 24.95 4.46 11.69
CA HIS A 219 23.77 4.95 10.95
C HIS A 219 23.71 4.75 9.44
N ALA A 220 24.79 4.25 8.85
CA ALA A 220 24.82 3.97 7.43
C ALA A 220 24.08 2.66 7.20
N ARG A 221 23.42 2.56 6.05
CA ARG A 221 22.67 1.37 5.66
C ARG A 221 23.05 1.02 4.23
N PRO A 222 23.10 -0.28 3.89
CA PRO A 222 23.48 -0.74 2.54
C PRO A 222 22.63 -0.13 1.44
N VAL A 223 23.25 0.20 0.31
CA VAL A 223 22.54 0.76 -0.84
C VAL A 223 21.69 -0.34 -1.52
N LEU A 224 20.37 -0.13 -1.52
CA LEU A 224 19.42 -1.09 -2.07
C LEU A 224 19.10 -0.90 -3.55
N GLY A 225 19.57 -1.84 -4.37
CA GLY A 225 19.32 -1.78 -5.80
C GLY A 225 20.55 -1.31 -6.54
N GLY A 226 20.66 -1.65 -7.82
CA GLY A 226 21.82 -1.24 -8.59
C GLY A 226 23.00 -2.15 -8.37
N ASN A 227 22.78 -3.23 -7.63
CA ASN A 227 23.80 -4.22 -7.32
C ASN A 227 23.15 -5.58 -7.23
N ASP A 228 23.94 -6.64 -7.29
CA ASP A 228 23.41 -8.00 -7.25
C ASP A 228 23.22 -8.62 -5.88
N THR A 229 23.84 -8.02 -4.87
CA THR A 229 23.69 -8.52 -3.51
C THR A 229 22.31 -8.12 -2.98
N PHE A 230 22.00 -6.82 -3.06
CA PHE A 230 20.74 -6.29 -2.61
C PHE A 230 19.92 -5.62 -3.72
N PRO A 231 19.29 -6.42 -4.61
CA PRO A 231 18.51 -5.78 -5.68
C PRO A 231 17.20 -5.24 -5.10
N TYR A 232 16.69 -4.16 -5.69
CA TYR A 232 15.47 -3.52 -5.21
C TYR A 232 14.80 -2.68 -6.31
N PRO A 233 13.47 -2.46 -6.20
CA PRO A 233 12.80 -1.65 -7.23
C PRO A 233 13.36 -0.24 -7.11
N ARG A 234 13.23 0.58 -8.15
CA ARG A 234 13.71 1.95 -8.07
C ARG A 234 12.62 2.75 -7.36
N ARG A 235 13.00 3.91 -6.85
CA ARG A 235 12.07 4.79 -6.16
C ARG A 235 12.19 6.15 -6.82
N GLY A 236 11.24 7.04 -6.53
CA GLY A 236 11.25 8.36 -7.14
C GLY A 236 12.49 9.17 -6.84
N ARG A 237 13.09 9.74 -7.87
CA ARG A 237 14.28 10.55 -7.68
C ARG A 237 14.04 11.93 -7.07
N THR A 238 14.81 12.23 -6.03
CA THR A 238 14.80 13.52 -5.31
C THR A 238 16.26 13.93 -5.57
N GLY A 239 16.52 15.21 -5.75
CA GLY A 239 17.89 15.56 -6.08
C GLY A 239 18.86 16.05 -5.01
N ARG A 240 18.64 15.70 -3.74
CA ARG A 240 19.50 16.16 -2.66
C ARG A 240 21.02 15.93 -2.83
N LYS A 241 21.80 16.79 -2.17
CA LYS A 241 23.26 16.67 -2.23
C LYS A 241 23.64 15.39 -1.51
N PRO A 242 24.68 14.71 -2.00
CA PRO A 242 25.13 13.46 -1.37
C PRO A 242 25.67 13.66 0.03
N THR A 243 25.67 12.57 0.79
CA THR A 243 26.18 12.55 2.15
C THR A 243 27.67 12.94 2.08
N ARG A 244 28.18 13.59 3.13
CA ARG A 244 29.59 13.99 3.15
C ARG A 244 30.54 12.78 3.24
N LYS A 245 30.33 11.97 4.28
CA LYS A 245 31.14 10.78 4.52
C LYS A 245 30.91 9.65 3.49
N ASP A 246 29.96 9.85 2.59
CA ASP A 246 29.66 8.85 1.57
C ASP A 246 29.03 9.50 0.33
N PRO A 247 29.72 9.40 -0.82
CA PRO A 247 29.27 9.96 -2.10
C PRO A 247 28.05 9.25 -2.69
N ASN A 248 27.87 7.99 -2.30
CA ASN A 248 26.77 7.15 -2.80
C ASN A 248 25.46 7.19 -2.01
N SER A 249 25.44 7.99 -0.94
CA SER A 249 24.24 8.14 -0.12
C SER A 249 23.69 9.55 -0.29
N GLU A 250 22.37 9.68 -0.19
CA GLU A 250 21.73 10.97 -0.33
C GLU A 250 21.53 11.58 1.05
N SER A 251 21.85 12.85 1.20
CA SER A 251 21.70 13.53 2.47
C SER A 251 20.23 13.56 2.90
N ARG A 252 19.99 13.41 4.20
CA ARG A 252 18.64 13.44 4.72
C ARG A 252 18.02 14.82 4.71
N SER A 253 16.71 14.87 4.58
CA SER A 253 15.97 16.11 4.56
C SER A 253 14.66 15.87 5.24
N ASN A 254 14.18 16.84 6.01
CA ASN A 254 12.91 16.67 6.69
C ASN A 254 11.76 16.77 5.72
N ASP A 255 12.09 17.07 4.46
CA ASP A 255 11.11 17.19 3.39
C ASP A 255 11.54 16.43 2.14
N VAL A 256 10.81 15.36 1.83
CA VAL A 256 11.11 14.55 0.66
C VAL A 256 10.24 14.94 -0.54
N TYR A 257 10.89 15.26 -1.64
CA TYR A 257 10.19 15.64 -2.85
C TYR A 257 9.53 14.49 -3.57
N LEU A 258 8.38 14.79 -4.16
CA LEU A 258 7.63 13.85 -4.98
C LEU A 258 6.97 14.80 -5.98
N PRO A 259 6.83 14.38 -7.24
CA PRO A 259 6.20 15.27 -8.23
C PRO A 259 4.87 15.82 -7.75
N ARG A 260 4.71 17.14 -7.87
CA ARG A 260 3.48 17.81 -7.47
C ARG A 260 2.34 17.13 -8.24
N ASP A 261 1.23 16.90 -7.54
CA ASP A 261 0.02 16.24 -8.06
C ASP A 261 -0.02 14.82 -7.53
N GLU A 262 1.14 14.27 -7.20
CA GLU A 262 1.20 12.92 -6.62
C GLU A 262 0.91 13.05 -5.11
N ALA A 263 1.03 14.29 -4.64
CA ALA A 263 0.80 14.65 -3.25
C ALA A 263 -0.65 15.14 -3.13
N PHE A 264 -1.53 14.31 -2.58
CA PHE A 264 -2.94 14.69 -2.46
C PHE A 264 -3.36 15.44 -1.20
N GLY A 265 -4.08 16.53 -1.40
CA GLY A 265 -4.58 17.32 -0.30
C GLY A 265 -5.94 16.79 0.11
N HIS A 266 -6.47 17.33 1.20
CA HIS A 266 -7.76 16.89 1.72
C HIS A 266 -8.58 18.06 2.22
N LEU A 267 -9.88 17.85 2.34
CA LEU A 267 -10.80 18.86 2.83
C LEU A 267 -10.91 18.77 4.35
N LYS A 268 -10.88 17.55 4.89
CA LYS A 268 -10.96 17.30 6.32
C LYS A 268 -9.59 17.17 6.95
N SER A 269 -9.46 17.65 8.19
CA SER A 269 -8.21 17.60 8.94
C SER A 269 -7.86 16.15 9.28
N SER A 270 -8.87 15.39 9.70
CA SER A 270 -8.71 14.00 10.08
C SER A 270 -8.34 13.06 8.94
N ASP A 271 -8.13 13.60 7.74
CA ASP A 271 -7.78 12.79 6.57
C ASP A 271 -6.34 12.83 6.14
N PHE A 272 -5.57 13.75 6.73
CA PHE A 272 -4.14 13.88 6.45
C PHE A 272 -3.43 12.81 7.26
N LEU A 273 -3.62 11.56 6.84
CA LEU A 273 -3.03 10.43 7.54
C LEU A 273 -1.51 10.45 7.56
N THR A 274 -0.89 10.77 6.44
CA THR A 274 0.57 10.83 6.38
C THR A 274 1.07 11.87 7.40
N TYR A 275 0.25 12.88 7.64
CA TYR A 275 0.59 13.93 8.58
C TYR A 275 0.52 13.38 10.00
N GLY A 276 -0.46 12.53 10.26
CA GLY A 276 -0.58 11.92 11.55
C GLY A 276 0.64 11.04 11.82
N LEU A 277 0.97 10.20 10.86
CA LEU A 277 2.11 9.27 10.94
C LEU A 277 3.46 9.96 11.15
N LYS A 278 3.64 11.08 10.47
CA LYS A 278 4.86 11.87 10.58
C LYS A 278 4.95 12.38 12.01
N SER A 279 3.80 12.84 12.54
CA SER A 279 3.73 13.37 13.91
C SER A 279 3.94 12.33 14.99
N VAL A 280 3.56 11.08 14.73
CA VAL A 280 3.74 10.02 15.72
C VAL A 280 5.24 9.74 15.92
N SER A 281 5.95 9.63 14.79
CA SER A 281 7.37 9.34 14.82
C SER A 281 8.24 10.58 15.12
N GLN A 282 7.64 11.76 15.14
CA GLN A 282 8.38 12.98 15.41
C GLN A 282 8.00 13.67 16.70
N ASN A 283 6.72 13.67 17.03
CA ASN A 283 6.27 14.33 18.25
C ASN A 283 5.88 13.36 19.33
N VAL A 284 5.12 12.32 18.95
CA VAL A 284 4.64 11.31 19.89
C VAL A 284 5.71 10.35 20.41
N LEU A 285 6.53 9.81 19.50
CA LEU A 285 7.60 8.88 19.87
C LEU A 285 8.57 9.51 20.88
N PRO A 286 9.18 10.66 20.53
CA PRO A 286 10.12 11.34 21.43
C PRO A 286 9.53 11.73 22.79
N LEU A 287 8.29 12.22 22.79
CA LEU A 287 7.62 12.62 24.03
C LEU A 287 7.22 11.41 24.85
N LEU A 288 6.93 10.31 24.16
CA LEU A 288 6.51 9.08 24.81
C LEU A 288 7.63 8.36 25.55
N GLN A 289 8.84 8.38 24.99
CA GLN A 289 9.97 7.69 25.62
C GLN A 289 10.49 8.36 26.87
N SER A 290 10.19 9.65 27.03
CA SER A 290 10.64 10.37 28.20
C SER A 290 9.89 9.88 29.44
N ALA A 291 8.63 9.49 29.25
CA ALA A 291 7.79 8.99 30.33
C ALA A 291 8.18 7.58 30.77
N PHE A 292 9.00 6.92 29.95
CA PHE A 292 9.48 5.57 30.26
C PHE A 292 10.90 5.66 30.84
N ASP A 293 11.64 6.67 30.39
CA ASP A 293 12.99 6.91 30.90
C ASP A 293 12.83 7.55 32.27
N LEU A 294 11.58 7.83 32.63
CA LEU A 294 11.21 8.42 33.92
C LEU A 294 10.73 7.25 34.78
N ASN A 295 9.45 7.24 35.14
CA ASN A 295 8.87 6.17 35.97
C ASN A 295 7.35 6.31 36.14
N PHE A 296 6.73 7.21 35.38
CA PHE A 296 5.27 7.39 35.48
C PHE A 296 4.54 6.09 35.15
N THR A 297 5.10 5.34 34.22
CA THR A 297 4.55 4.05 33.83
C THR A 297 5.69 3.06 33.83
N PRO A 298 5.49 1.90 34.46
CA PRO A 298 6.57 0.90 34.49
C PRO A 298 6.92 0.51 33.04
N ARG A 299 8.17 0.13 32.82
CA ARG A 299 8.65 -0.25 31.49
C ARG A 299 8.06 -1.55 30.91
N GLU A 300 7.42 -2.37 31.75
CA GLU A 300 6.86 -3.63 31.29
C GLU A 300 5.48 -4.00 31.83
N PHE A 301 4.76 -4.83 31.06
CA PHE A 301 3.44 -5.33 31.44
C PHE A 301 3.69 -6.50 32.40
N ASP A 302 2.85 -6.65 33.42
CA ASP A 302 3.04 -7.75 34.37
C ASP A 302 1.98 -8.84 34.26
N SER A 303 0.89 -8.54 33.55
CA SER A 303 -0.20 -9.49 33.33
C SER A 303 -0.98 -9.16 32.06
N PHE A 304 -1.71 -10.15 31.55
CA PHE A 304 -2.53 -9.96 30.34
C PHE A 304 -3.63 -8.95 30.61
N ASP A 305 -4.14 -8.97 31.84
CA ASP A 305 -5.19 -8.05 32.27
C ASP A 305 -4.73 -6.60 32.17
N GLU A 306 -3.44 -6.39 32.44
CA GLU A 306 -2.83 -5.08 32.39
C GLU A 306 -2.72 -4.63 30.93
N VAL A 307 -2.72 -5.59 30.00
CA VAL A 307 -2.65 -5.30 28.56
C VAL A 307 -4.05 -4.95 28.05
N HIS A 308 -5.04 -5.70 28.50
CA HIS A 308 -6.42 -5.47 28.12
C HIS A 308 -6.88 -4.10 28.59
N GLY A 309 -6.18 -3.56 29.58
CA GLY A 309 -6.53 -2.25 30.11
C GLY A 309 -6.16 -1.10 29.18
N LEU A 310 -5.45 -1.39 28.10
CA LEU A 310 -5.05 -0.35 27.15
C LEU A 310 -6.25 0.27 26.43
N TYR A 311 -7.24 -0.56 26.10
CA TYR A 311 -8.44 -0.07 25.42
C TYR A 311 -9.63 0.24 26.33
N SER A 312 -9.40 0.16 27.65
CA SER A 312 -10.43 0.48 28.65
C SER A 312 -10.07 1.82 29.28
N GLY A 313 -9.28 1.77 30.34
CA GLY A 313 -8.84 2.97 31.04
C GLY A 313 -7.69 3.67 30.35
N GLY A 314 -6.94 2.91 29.55
CA GLY A 314 -5.81 3.47 28.84
C GLY A 314 -4.58 3.54 29.71
N ILE A 315 -3.61 4.32 29.27
CA ILE A 315 -2.36 4.49 29.99
C ILE A 315 -2.18 5.93 30.50
N LYS A 316 -2.12 6.02 31.82
CA LYS A 316 -1.96 7.29 32.55
C LYS A 316 -0.52 7.79 32.39
N LEU A 317 -0.36 9.04 31.94
CA LEU A 317 0.95 9.65 31.76
C LEU A 317 0.85 11.06 32.33
N PRO A 318 1.98 11.74 32.57
CA PRO A 318 1.84 13.10 33.12
C PRO A 318 1.07 14.03 32.18
N THR A 319 0.08 14.73 32.72
CA THR A 319 -0.76 15.65 31.94
C THR A 319 0.08 16.62 31.13
N ASP A 320 1.34 16.75 31.53
CA ASP A 320 2.28 17.63 30.86
C ASP A 320 2.46 17.12 29.44
N ILE A 321 2.50 15.80 29.27
CA ILE A 321 2.66 15.18 27.96
C ILE A 321 1.34 15.13 27.19
N ILE A 322 0.25 14.83 27.92
CA ILE A 322 -1.08 14.73 27.32
C ILE A 322 -1.52 16.05 26.65
N SER A 323 -1.27 17.18 27.31
CA SER A 323 -1.64 18.49 26.76
C SER A 323 -0.71 18.88 25.61
N LYS A 324 0.14 17.95 25.20
CA LYS A 324 1.09 18.14 24.11
C LYS A 324 0.77 17.22 22.93
N ILE A 325 0.37 15.98 23.26
CA ILE A 325 0.01 15.01 22.23
C ILE A 325 -1.50 14.82 22.17
N SER A 326 -2.25 15.91 22.28
CA SER A 326 -3.70 15.86 22.21
C SER A 326 -4.25 17.00 21.35
N PRO A 327 -3.75 18.23 21.53
CA PRO A 327 -4.22 19.38 20.74
C PRO A 327 -3.66 19.42 19.31
N LEU A 328 -2.59 18.69 19.06
CA LEU A 328 -1.96 18.65 17.73
C LEU A 328 -2.85 18.10 16.63
N PRO A 329 -2.71 18.65 15.41
CA PRO A 329 -3.47 18.27 14.21
C PRO A 329 -3.43 16.80 13.79
N VAL A 330 -4.59 16.32 13.33
CA VAL A 330 -4.83 14.95 12.86
C VAL A 330 -4.86 13.88 13.96
N LEU A 331 -3.96 14.00 14.94
CA LEU A 331 -3.91 13.05 16.06
C LEU A 331 -5.04 13.32 17.04
N LYS A 332 -5.51 14.56 17.05
CA LYS A 332 -6.60 14.99 17.91
C LYS A 332 -7.86 14.18 17.60
N GLU A 333 -7.81 13.43 16.50
CA GLU A 333 -8.92 12.61 16.06
C GLU A 333 -8.68 11.14 16.40
N ILE A 334 -7.49 10.66 16.04
CA ILE A 334 -7.08 9.28 16.25
C ILE A 334 -7.02 8.83 17.71
N PHE A 335 -6.24 9.57 18.51
CA PHE A 335 -6.07 9.23 19.93
C PHE A 335 -7.33 9.37 20.79
N ARG A 336 -7.53 8.35 21.63
CA ARG A 336 -8.66 8.32 22.55
C ARG A 336 -8.15 8.80 23.90
N THR A 337 -9.06 9.31 24.72
CA THR A 337 -8.72 9.82 26.05
C THR A 337 -9.98 10.20 26.83
N ASP A 338 -9.81 10.51 28.11
CA ASP A 338 -10.94 10.92 28.95
C ASP A 338 -10.74 12.38 29.32
N GLY A 339 -9.50 12.71 29.66
CA GLY A 339 -9.15 14.07 30.02
C GLY A 339 -7.71 14.14 30.44
N GLU A 340 -7.49 14.19 31.75
CA GLU A 340 -6.16 14.28 32.33
C GLU A 340 -5.48 12.92 32.49
N GLN A 341 -4.38 12.71 31.74
CA GLN A 341 -3.57 11.49 31.82
C GLN A 341 -4.28 10.16 31.52
N ALA A 342 -4.68 9.93 30.27
CA ALA A 342 -5.38 8.68 29.95
C ALA A 342 -5.50 8.36 28.47
N LEU A 343 -4.37 8.08 27.81
CA LEU A 343 -4.38 7.75 26.40
C LEU A 343 -4.92 6.34 26.14
N LYS A 344 -6.14 6.24 25.63
CA LYS A 344 -6.76 4.96 25.33
C LYS A 344 -6.57 4.53 23.87
N PHE A 345 -6.89 3.27 23.61
CA PHE A 345 -6.82 2.69 22.26
C PHE A 345 -8.14 1.99 22.00
N PRO A 346 -8.65 2.07 20.75
CA PRO A 346 -9.92 1.39 20.46
C PRO A 346 -9.72 -0.11 20.51
N PRO A 347 -10.67 -0.87 21.05
CA PRO A 347 -10.52 -2.33 21.12
C PRO A 347 -10.51 -2.98 19.73
N PRO A 348 -9.53 -3.85 19.48
CA PRO A 348 -9.41 -4.54 18.19
C PRO A 348 -10.53 -5.55 18.07
N LYS A 349 -10.98 -5.78 16.85
CA LYS A 349 -12.06 -6.72 16.60
C LYS A 349 -11.75 -8.14 17.09
N VAL A 350 -10.46 -8.43 17.28
CA VAL A 350 -10.03 -9.74 17.74
C VAL A 350 -10.55 -10.14 19.14
N ILE A 351 -10.79 -9.17 20.01
CA ILE A 351 -11.31 -9.51 21.35
C ILE A 351 -12.69 -8.97 21.66
N GLN A 352 -13.29 -8.25 20.70
CA GLN A 352 -14.61 -7.66 20.93
C GLN A 352 -15.70 -8.63 21.37
N VAL A 353 -15.56 -9.90 21.00
CA VAL A 353 -16.52 -10.92 21.39
C VAL A 353 -15.95 -11.81 22.50
N SER A 354 -14.78 -12.38 22.25
CA SER A 354 -14.09 -13.25 23.20
C SER A 354 -12.67 -12.71 23.39
N LYS A 355 -12.22 -12.62 24.64
CA LYS A 355 -10.87 -12.12 24.92
C LYS A 355 -9.81 -13.21 24.99
N SER A 356 -10.25 -14.47 24.95
CA SER A 356 -9.37 -15.62 25.03
C SER A 356 -9.16 -16.44 23.75
N ALA A 357 -10.11 -16.33 22.81
CA ALA A 357 -10.06 -17.07 21.55
C ALA A 357 -8.76 -17.00 20.73
N TRP A 358 -8.00 -15.93 20.88
CA TRP A 358 -6.76 -15.77 20.12
C TRP A 358 -5.72 -16.84 20.47
N MET A 359 -5.79 -17.37 21.68
CA MET A 359 -4.87 -18.40 22.19
C MET A 359 -5.17 -19.80 21.70
N THR A 360 -6.32 -19.98 21.06
CA THR A 360 -6.72 -21.27 20.57
C THR A 360 -5.96 -21.67 19.30
N ASP A 361 -5.67 -22.95 19.15
CA ASP A 361 -4.94 -23.45 17.98
C ASP A 361 -5.68 -23.16 16.68
N GLU A 362 -7.00 -23.27 16.72
CA GLU A 362 -7.83 -23.03 15.54
C GLU A 362 -7.75 -21.58 15.06
N GLU A 363 -7.54 -20.63 15.98
CA GLU A 363 -7.42 -19.24 15.57
C GLU A 363 -6.05 -18.97 14.96
N PHE A 364 -5.01 -19.57 15.55
CA PHE A 364 -3.63 -19.43 15.07
C PHE A 364 -3.51 -19.90 13.60
N ALA A 365 -4.13 -21.04 13.30
CA ALA A 365 -4.11 -21.63 11.97
C ALA A 365 -5.06 -20.91 11.00
N ARG A 366 -6.21 -20.47 11.51
CA ARG A 366 -7.22 -19.78 10.71
C ARG A 366 -6.70 -18.48 10.14
N GLU A 367 -5.83 -17.82 10.89
CA GLU A 367 -5.25 -16.55 10.49
C GLU A 367 -4.23 -16.66 9.38
N MET A 368 -3.88 -17.88 9.01
CA MET A 368 -2.94 -18.11 7.93
C MET A 368 -3.70 -18.06 6.62
N LEU A 369 -5.03 -18.18 6.73
CA LEU A 369 -5.96 -18.18 5.61
C LEU A 369 -6.87 -16.96 5.55
N ALA A 370 -7.23 -16.42 6.72
CA ALA A 370 -8.11 -15.26 6.81
C ALA A 370 -7.54 -14.08 7.61
N GLY A 371 -6.25 -14.13 7.94
CA GLY A 371 -5.65 -13.07 8.71
C GLY A 371 -5.01 -11.91 7.96
N VAL A 372 -4.07 -11.25 8.62
CA VAL A 372 -3.34 -10.11 8.10
C VAL A 372 -2.29 -10.52 7.04
N ASN A 373 -1.88 -11.79 7.10
CA ASN A 373 -0.89 -12.37 6.17
C ASN A 373 -1.44 -13.75 5.73
N PRO A 374 -2.36 -13.78 4.76
CA PRO A 374 -2.96 -15.02 4.27
C PRO A 374 -2.35 -15.49 2.94
N ASN A 375 -1.16 -14.99 2.64
CA ASN A 375 -0.40 -15.25 1.41
C ASN A 375 0.73 -16.28 1.42
N LEU A 376 1.09 -16.76 2.60
CA LEU A 376 2.24 -17.68 2.73
C LEU A 376 2.06 -19.18 2.73
N ILE A 377 1.04 -19.66 3.42
CA ILE A 377 0.78 -21.09 3.52
C ILE A 377 0.90 -21.82 2.18
N ARG A 378 1.44 -23.03 2.22
CA ARG A 378 1.58 -23.83 1.00
C ARG A 378 1.35 -25.32 1.22
N CYS A 379 0.85 -26.00 0.19
CA CYS A 379 0.61 -27.41 0.29
C CYS A 379 1.95 -28.12 0.33
N LEU A 380 2.12 -28.95 1.34
CA LEU A 380 3.33 -29.71 1.54
C LEU A 380 3.41 -30.90 0.58
N LYS A 381 4.42 -30.90 -0.29
CA LYS A 381 4.57 -32.00 -1.25
C LYS A 381 5.51 -33.11 -0.79
N ASP A 382 6.72 -32.76 -0.40
CA ASP A 382 7.67 -33.76 0.08
C ASP A 382 7.87 -33.69 1.59
N PHE A 383 8.48 -34.72 2.14
CA PHE A 383 8.72 -34.80 3.57
C PHE A 383 10.07 -35.44 3.86
N PRO A 384 10.85 -34.86 4.78
CA PRO A 384 10.49 -33.63 5.50
C PRO A 384 10.78 -32.41 4.63
N PRO A 385 10.16 -31.27 4.94
CA PRO A 385 10.37 -30.03 4.18
C PRO A 385 11.85 -29.71 4.15
N ARG A 386 12.34 -29.23 3.03
CA ARG A 386 13.76 -28.88 2.92
C ARG A 386 13.93 -27.39 2.71
N SER A 387 15.13 -26.91 2.98
CA SER A 387 15.43 -25.51 2.80
C SER A 387 15.88 -25.25 1.37
N LYS A 388 15.95 -23.98 1.00
CA LYS A 388 16.35 -23.54 -0.33
C LYS A 388 17.69 -22.80 -0.16
N LEU A 389 18.27 -22.92 1.04
CA LEU A 389 19.54 -22.28 1.34
C LEU A 389 20.65 -23.10 0.70
N ASP A 390 21.87 -22.56 0.74
CA ASP A 390 23.01 -23.23 0.13
C ASP A 390 23.52 -24.50 0.82
N SER A 391 24.81 -24.77 0.62
CA SER A 391 25.49 -25.95 1.16
C SER A 391 25.82 -25.98 2.67
N GLN A 392 24.96 -25.40 3.51
CA GLN A 392 25.23 -25.37 4.95
C GLN A 392 24.53 -26.45 5.78
N VAL A 393 24.27 -27.59 5.13
CA VAL A 393 23.64 -28.78 5.72
C VAL A 393 22.45 -28.58 6.66
N TYR A 394 21.27 -28.64 6.07
CA TYR A 394 19.95 -28.49 6.70
C TYR A 394 19.07 -28.10 5.51
N GLY A 395 19.71 -27.49 4.54
CA GLY A 395 19.07 -27.09 3.30
C GLY A 395 19.32 -28.26 2.37
N ASP A 396 20.54 -28.80 2.48
CA ASP A 396 20.97 -29.97 1.73
C ASP A 396 20.30 -31.12 2.49
N HIS A 397 20.35 -31.06 3.82
CA HIS A 397 19.72 -32.06 4.67
C HIS A 397 18.21 -31.79 4.52
N THR A 398 17.59 -31.15 5.51
CA THR A 398 16.16 -30.85 5.49
C THR A 398 15.70 -30.25 6.83
N SER A 399 14.48 -30.66 7.19
CA SER A 399 13.81 -30.27 8.41
C SER A 399 13.91 -31.50 9.33
N GLN A 400 14.00 -31.26 10.64
CA GLN A 400 14.07 -32.35 11.60
C GLN A 400 12.70 -32.68 12.18
N ILE A 401 11.64 -32.30 11.45
CA ILE A 401 10.26 -32.54 11.89
C ILE A 401 10.02 -34.02 12.17
N THR A 402 9.50 -34.26 13.37
CA THR A 402 9.19 -35.61 13.85
C THR A 402 8.11 -36.33 13.04
N LYS A 403 8.52 -37.21 12.13
CA LYS A 403 7.55 -37.98 11.36
C LYS A 403 6.93 -38.99 12.33
N GLU A 404 7.64 -39.19 13.44
CA GLU A 404 7.23 -40.11 14.49
C GLU A 404 6.13 -39.46 15.34
N HIS A 405 6.00 -38.15 15.21
CA HIS A 405 4.99 -37.43 15.96
C HIS A 405 4.19 -36.48 15.08
N LEU A 406 3.20 -37.03 14.39
CA LEU A 406 2.31 -36.29 13.51
C LEU A 406 0.95 -37.01 13.51
N GLU A 407 -0.09 -36.26 13.92
CA GLU A 407 -1.50 -36.69 14.02
C GLU A 407 -1.92 -37.37 15.32
N PRO A 408 -2.15 -36.58 16.39
CA PRO A 408 -2.56 -37.04 17.71
C PRO A 408 -3.97 -37.68 17.75
N ASN A 409 -4.96 -36.90 18.18
CA ASN A 409 -6.35 -37.37 18.27
C ASN A 409 -7.14 -37.37 16.94
N LEU A 410 -6.52 -36.89 15.86
CA LEU A 410 -7.17 -36.86 14.55
C LEU A 410 -6.81 -38.05 13.66
N GLU A 411 -7.20 -37.97 12.39
CA GLU A 411 -6.99 -39.00 11.38
C GLU A 411 -5.91 -40.06 11.55
N GLY A 412 -6.28 -41.30 11.24
CA GLY A 412 -5.38 -42.43 11.33
C GLY A 412 -4.71 -42.67 9.99
N LEU A 413 -4.38 -41.57 9.32
CA LEU A 413 -3.70 -41.63 8.03
C LEU A 413 -2.20 -41.56 8.27
N THR A 414 -1.43 -41.98 7.28
CA THR A 414 0.02 -41.92 7.39
C THR A 414 0.45 -40.58 6.79
N VAL A 415 1.71 -40.22 7.01
CA VAL A 415 2.24 -38.97 6.46
C VAL A 415 2.33 -39.11 4.94
N ASP A 416 2.36 -40.35 4.46
CA ASP A 416 2.44 -40.62 3.03
C ASP A 416 1.07 -40.44 2.36
N GLU A 417 0.01 -40.82 3.07
CA GLU A 417 -1.35 -40.71 2.57
C GLU A 417 -1.88 -39.30 2.73
N ALA A 418 -1.55 -38.67 3.86
CA ALA A 418 -1.99 -37.31 4.14
C ALA A 418 -1.51 -36.37 3.04
N ILE A 419 -0.27 -36.58 2.58
CA ILE A 419 0.33 -35.76 1.51
C ILE A 419 -0.29 -36.08 0.16
N GLN A 420 -0.64 -37.35 -0.03
CA GLN A 420 -1.26 -37.85 -1.25
C GLN A 420 -2.65 -37.21 -1.39
N ASN A 421 -3.38 -37.14 -0.27
CA ASN A 421 -4.71 -36.54 -0.23
C ASN A 421 -4.62 -35.02 -0.14
N LYS A 422 -3.40 -34.51 -0.01
CA LYS A 422 -3.15 -33.07 0.12
C LYS A 422 -3.81 -32.50 1.38
N ARG A 423 -3.46 -33.09 2.51
CA ARG A 423 -3.98 -32.67 3.81
C ARG A 423 -2.93 -31.97 4.67
N LEU A 424 -1.69 -31.97 4.21
CA LEU A 424 -0.62 -31.34 4.98
C LEU A 424 -0.14 -30.05 4.34
N PHE A 425 0.00 -29.03 5.18
CA PHE A 425 0.44 -27.72 4.74
C PHE A 425 1.61 -27.23 5.56
N LEU A 426 2.26 -26.20 5.06
CA LEU A 426 3.43 -25.65 5.70
C LEU A 426 3.50 -24.14 5.72
N LEU A 427 3.97 -23.59 6.85
CA LEU A 427 4.18 -22.16 7.03
C LEU A 427 5.67 -22.12 7.28
N ASP A 428 6.44 -21.95 6.19
CA ASP A 428 7.90 -21.94 6.24
C ASP A 428 8.54 -20.55 6.42
N HIS A 429 9.14 -20.31 7.58
CA HIS A 429 9.79 -19.03 7.89
C HIS A 429 11.26 -19.24 8.20
N HIS A 430 11.78 -20.38 7.76
CA HIS A 430 13.17 -20.76 8.01
C HIS A 430 14.29 -20.01 7.28
N ASP A 431 14.27 -20.02 5.96
CA ASP A 431 15.32 -19.43 5.12
C ASP A 431 15.65 -17.94 5.13
N PRO A 432 14.64 -17.06 5.09
CA PRO A 432 14.88 -15.60 5.07
C PRO A 432 15.65 -15.03 6.25
N ILE A 433 15.31 -15.46 7.45
CA ILE A 433 15.97 -14.94 8.64
C ILE A 433 17.24 -15.68 9.00
N MET A 434 17.35 -16.95 8.60
CA MET A 434 18.49 -17.78 8.91
C MET A 434 19.87 -17.16 8.75
N PRO A 435 20.18 -16.60 7.56
CA PRO A 435 21.49 -15.97 7.32
C PRO A 435 21.83 -14.73 8.14
N TYR A 436 20.84 -14.14 8.80
CA TYR A 436 21.02 -12.94 9.62
C TYR A 436 20.77 -13.20 11.10
N LEU A 437 20.35 -14.41 11.43
CA LEU A 437 20.02 -14.82 12.79
C LEU A 437 21.13 -14.71 13.83
N ARG A 438 22.35 -15.10 13.47
CA ARG A 438 23.48 -15.02 14.39
C ARG A 438 23.73 -13.56 14.74
N ARG A 439 23.47 -12.68 13.78
CA ARG A 439 23.63 -11.23 13.95
C ARG A 439 22.47 -10.60 14.74
N ILE A 440 21.26 -11.06 14.47
CA ILE A 440 20.06 -10.58 15.15
C ILE A 440 20.07 -10.99 16.62
N ASN A 441 20.52 -12.22 16.88
CA ASN A 441 20.60 -12.77 18.23
C ASN A 441 21.77 -12.24 19.07
N ALA A 442 22.54 -11.32 18.48
CA ALA A 442 23.69 -10.71 19.16
C ALA A 442 23.24 -9.40 19.79
N THR A 443 22.02 -8.98 19.46
CA THR A 443 21.46 -7.75 19.98
C THR A 443 20.54 -8.12 21.15
N SER A 444 19.61 -7.24 21.50
CA SER A 444 18.67 -7.49 22.60
C SER A 444 17.47 -8.36 22.21
N THR A 445 17.51 -8.88 20.98
CA THR A 445 16.45 -9.73 20.45
C THR A 445 16.96 -11.18 20.33
N LYS A 446 16.11 -12.13 20.68
CA LYS A 446 16.47 -13.54 20.57
C LYS A 446 15.36 -14.19 19.77
N ALA A 447 15.68 -14.50 18.51
CA ALA A 447 14.74 -15.10 17.58
C ALA A 447 15.10 -16.51 17.13
N TYR A 448 14.15 -17.17 16.47
CA TYR A 448 14.32 -18.50 15.92
C TYR A 448 13.84 -18.43 14.47
N ALA A 449 14.28 -19.37 13.64
CA ALA A 449 13.81 -19.46 12.26
C ALA A 449 12.80 -20.57 12.47
N THR A 450 11.57 -20.41 11.99
CA THR A 450 10.57 -21.42 12.24
C THR A 450 9.93 -22.11 11.07
N ARG A 451 9.22 -23.18 11.41
CA ARG A 451 8.45 -24.02 10.50
C ARG A 451 7.29 -24.61 11.30
N THR A 452 6.12 -24.66 10.68
CA THR A 452 4.95 -25.23 11.34
C THR A 452 4.07 -25.99 10.36
N ILE A 453 3.93 -27.27 10.63
CA ILE A 453 3.13 -28.16 9.81
C ILE A 453 1.70 -28.12 10.30
N LEU A 454 0.77 -27.97 9.36
CA LEU A 454 -0.64 -27.90 9.69
C LEU A 454 -1.36 -29.03 8.98
N PHE A 455 -2.45 -29.47 9.57
CA PHE A 455 -3.23 -30.58 9.03
C PHE A 455 -4.66 -30.18 8.76
N LEU A 456 -5.17 -30.54 7.60
CA LEU A 456 -6.55 -30.22 7.28
C LEU A 456 -7.43 -31.29 7.90
N LYS A 457 -8.31 -30.88 8.81
CA LYS A 457 -9.21 -31.82 9.47
C LYS A 457 -10.47 -32.06 8.64
N ASN A 458 -11.23 -33.10 9.00
CA ASN A 458 -12.46 -33.44 8.28
C ASN A 458 -13.51 -32.35 8.30
N ASP A 459 -13.54 -31.58 9.39
CA ASP A 459 -14.53 -30.50 9.54
C ASP A 459 -14.17 -29.24 8.76
N GLY A 460 -13.11 -29.32 7.96
CA GLY A 460 -12.69 -28.18 7.17
C GLY A 460 -11.67 -27.28 7.87
N THR A 461 -11.58 -27.36 9.19
CA THR A 461 -10.62 -26.51 9.92
C THR A 461 -9.19 -27.01 9.81
N LEU A 462 -8.26 -26.08 9.98
CA LEU A 462 -6.84 -26.33 9.94
C LEU A 462 -6.39 -26.52 11.39
N ARG A 463 -5.32 -27.27 11.59
CA ARG A 463 -4.81 -27.54 12.92
C ARG A 463 -3.30 -27.75 12.91
N PRO A 464 -2.54 -26.91 13.65
CA PRO A 464 -1.08 -27.00 13.73
C PRO A 464 -0.64 -28.28 14.42
N LEU A 465 0.18 -29.06 13.73
CA LEU A 465 0.65 -30.34 14.25
C LEU A 465 2.00 -30.31 14.94
N ALA A 466 2.90 -29.48 14.43
CA ALA A 466 4.25 -29.38 14.99
C ALA A 466 4.93 -28.09 14.57
N ILE A 467 5.73 -27.54 15.49
CA ILE A 467 6.50 -26.31 15.25
C ILE A 467 7.99 -26.59 15.48
N GLU A 468 8.81 -26.27 14.49
CA GLU A 468 10.25 -26.49 14.59
C GLU A 468 10.96 -25.15 14.80
N LEU A 469 11.59 -25.00 15.97
CA LEU A 469 12.33 -23.80 16.30
C LEU A 469 13.78 -24.11 15.97
N SER A 470 14.32 -23.42 14.98
CA SER A 470 15.68 -23.65 14.55
C SER A 470 16.61 -22.50 14.90
N LEU A 471 17.85 -22.85 15.23
CA LEU A 471 18.86 -21.84 15.56
C LEU A 471 20.03 -22.00 14.59
N PRO A 472 20.94 -21.02 14.55
CA PRO A 472 22.06 -21.15 13.62
C PRO A 472 23.29 -21.84 14.23
N HIS A 473 24.24 -22.09 13.34
CA HIS A 473 25.54 -22.70 13.62
C HIS A 473 25.84 -23.32 14.98
N PRO A 474 25.17 -24.43 15.31
CA PRO A 474 25.46 -25.05 16.61
C PRO A 474 26.88 -25.61 16.49
N GLN A 475 27.85 -24.79 16.88
CA GLN A 475 29.28 -25.14 16.83
C GLN A 475 29.81 -25.18 15.39
N GLY A 476 29.42 -24.20 14.58
CA GLY A 476 29.88 -24.15 13.20
C GLY A 476 29.32 -23.06 12.34
N ASP A 477 28.54 -23.46 11.34
CA ASP A 477 27.86 -22.60 10.34
C ASP A 477 27.58 -23.52 9.16
N GLN A 478 28.53 -24.43 8.91
CA GLN A 478 28.41 -25.44 7.87
C GLN A 478 27.85 -26.59 8.68
N SER A 479 26.92 -27.35 8.10
CA SER A 479 26.30 -28.45 8.84
C SER A 479 25.74 -27.80 10.10
N GLY A 480 24.83 -26.84 9.91
CA GLY A 480 24.25 -26.14 11.05
C GLY A 480 22.77 -25.88 10.95
N ALA A 481 22.07 -26.19 12.03
CA ALA A 481 20.62 -26.02 12.15
C ALA A 481 20.16 -26.63 13.47
N PHE A 482 20.54 -26.00 14.57
CA PHE A 482 20.17 -26.46 15.91
C PHE A 482 18.63 -26.33 16.02
N SER A 483 17.94 -27.39 15.60
CA SER A 483 16.49 -27.45 15.60
C SER A 483 15.88 -28.11 16.84
N GLN A 484 14.64 -27.74 17.11
CA GLN A 484 13.87 -28.28 18.22
C GLN A 484 12.44 -28.30 17.69
N VAL A 485 11.73 -29.40 17.91
CA VAL A 485 10.36 -29.52 17.43
C VAL A 485 9.38 -29.64 18.61
N PHE A 486 8.47 -28.68 18.70
CA PHE A 486 7.48 -28.66 19.77
C PHE A 486 6.11 -29.08 19.30
N LEU A 487 5.40 -29.79 20.17
CA LEU A 487 4.07 -30.30 19.84
C LEU A 487 2.96 -29.66 20.65
N PRO A 488 1.73 -29.70 20.13
CA PRO A 488 0.58 -29.12 20.82
C PRO A 488 0.21 -29.85 22.10
N ALA A 489 -0.15 -29.07 23.13
CA ALA A 489 -0.55 -29.56 24.43
C ALA A 489 -1.62 -28.59 24.96
N ASP A 490 -2.59 -29.08 25.72
CA ASP A 490 -3.65 -28.20 26.21
C ASP A 490 -3.59 -27.87 27.69
N GLU A 491 -2.62 -28.43 28.41
CA GLU A 491 -2.50 -28.15 29.83
C GLU A 491 -1.10 -28.37 30.37
N GLY A 492 -0.85 -27.83 31.57
CA GLY A 492 0.45 -27.94 32.17
C GLY A 492 1.48 -27.11 31.44
N VAL A 493 2.69 -27.08 31.97
CA VAL A 493 3.80 -26.32 31.39
C VAL A 493 3.97 -26.55 29.90
N GLU A 494 3.57 -27.74 29.45
CA GLU A 494 3.66 -28.12 28.05
C GLU A 494 2.81 -27.19 27.19
N SER A 495 1.69 -26.70 27.73
CA SER A 495 0.81 -25.79 27.00
C SER A 495 1.34 -24.37 27.01
N SER A 496 2.00 -23.98 28.10
CA SER A 496 2.59 -22.64 28.21
C SER A 496 3.79 -22.58 27.27
N ILE A 497 4.44 -23.72 27.10
CA ILE A 497 5.58 -23.86 26.20
C ILE A 497 5.08 -23.74 24.76
N TRP A 498 4.01 -24.47 24.44
CA TRP A 498 3.40 -24.45 23.12
C TRP A 498 2.93 -23.03 22.76
N LEU A 499 2.35 -22.32 23.75
CA LEU A 499 1.88 -20.96 23.53
C LEU A 499 3.07 -20.08 23.16
N LEU A 500 4.19 -20.29 23.84
CA LEU A 500 5.41 -19.54 23.55
C LEU A 500 5.92 -19.92 22.17
N ALA A 501 5.73 -21.19 21.80
CA ALA A 501 6.17 -21.69 20.51
C ALA A 501 5.47 -20.99 19.36
N LYS A 502 4.18 -20.70 19.54
CA LYS A 502 3.40 -20.02 18.52
C LYS A 502 3.82 -18.56 18.43
N ALA A 503 4.16 -17.97 19.57
CA ALA A 503 4.63 -16.59 19.60
C ALA A 503 5.93 -16.43 18.78
N TYR A 504 6.72 -17.50 18.68
CA TYR A 504 7.98 -17.46 17.90
C TYR A 504 7.67 -17.47 16.41
N VAL A 505 6.68 -18.26 16.02
CA VAL A 505 6.26 -18.34 14.63
C VAL A 505 5.64 -17.00 14.22
N VAL A 506 4.80 -16.45 15.09
CA VAL A 506 4.13 -15.18 14.80
C VAL A 506 5.07 -14.00 14.74
N VAL A 507 6.10 -13.97 15.60
CA VAL A 507 7.07 -12.88 15.55
C VAL A 507 7.75 -12.90 14.17
N ASN A 508 7.96 -14.10 13.63
CA ASN A 508 8.55 -14.27 12.30
C ASN A 508 7.56 -13.82 11.23
N ASP A 509 6.29 -14.19 11.39
CA ASP A 509 5.26 -13.86 10.43
C ASP A 509 4.93 -12.37 10.31
N SER A 510 4.83 -11.71 11.46
CA SER A 510 4.54 -10.28 11.57
C SER A 510 5.60 -9.47 10.88
N CYS A 511 6.85 -9.89 11.06
CA CYS A 511 7.97 -9.19 10.46
C CYS A 511 8.08 -9.47 8.95
N TYR A 512 7.80 -10.71 8.55
CA TYR A 512 7.82 -11.10 7.14
C TYR A 512 6.71 -10.33 6.41
N HIS A 513 5.54 -10.26 7.05
CA HIS A 513 4.38 -9.56 6.55
C HIS A 513 4.62 -8.05 6.38
N GLN A 514 5.13 -7.41 7.42
CA GLN A 514 5.38 -5.98 7.38
C GLN A 514 6.34 -5.57 6.28
N LEU A 515 7.49 -6.23 6.22
CA LEU A 515 8.52 -5.91 5.22
C LEU A 515 8.30 -6.49 3.82
N VAL A 516 7.78 -7.70 3.73
CA VAL A 516 7.59 -8.33 2.44
C VAL A 516 6.16 -8.27 1.88
N SER A 517 5.27 -9.06 2.44
CA SER A 517 3.87 -9.10 1.98
C SER A 517 3.30 -7.71 1.75
N HIS A 518 3.61 -6.79 2.68
CA HIS A 518 3.12 -5.43 2.62
C HIS A 518 4.04 -4.39 1.97
N TRP A 519 5.14 -4.00 2.62
CA TRP A 519 6.02 -3.00 2.04
C TRP A 519 6.56 -3.36 0.68
N LEU A 520 7.21 -4.51 0.57
CA LEU A 520 7.80 -4.93 -0.69
C LEU A 520 6.84 -5.28 -1.83
N ASN A 521 5.99 -6.29 -1.62
CA ASN A 521 5.05 -6.74 -2.65
C ASN A 521 3.95 -5.78 -3.02
N THR A 522 3.97 -4.60 -2.41
CA THR A 522 2.93 -3.61 -2.66
C THR A 522 3.51 -2.22 -2.90
N HIS A 523 3.87 -1.54 -1.81
CA HIS A 523 4.43 -0.18 -1.85
C HIS A 523 5.66 -0.06 -2.74
N ALA A 524 6.71 -0.84 -2.45
CA ALA A 524 7.97 -0.78 -3.19
C ALA A 524 7.87 -1.18 -4.66
N VAL A 525 7.27 -2.34 -4.90
CA VAL A 525 7.07 -2.91 -6.23
C VAL A 525 6.25 -2.04 -7.19
N VAL A 526 5.20 -1.40 -6.70
CA VAL A 526 4.35 -0.54 -7.53
C VAL A 526 4.94 0.81 -7.93
N GLU A 527 5.77 1.42 -7.09
CA GLU A 527 6.32 2.73 -7.43
C GLU A 527 7.00 2.89 -8.78
N PRO A 528 7.81 1.90 -9.22
CA PRO A 528 8.45 2.08 -10.53
C PRO A 528 7.47 2.16 -11.72
N PHE A 529 6.31 1.49 -11.60
CA PHE A 529 5.29 1.56 -12.65
C PHE A 529 4.72 2.98 -12.75
N ILE A 530 4.51 3.61 -11.61
CA ILE A 530 3.98 4.97 -11.53
C ILE A 530 4.89 5.94 -12.27
N ILE A 531 6.20 5.81 -12.04
CA ILE A 531 7.20 6.66 -12.66
C ILE A 531 7.24 6.32 -14.16
N ALA A 532 7.13 5.05 -14.48
CA ALA A 532 7.16 4.60 -15.85
C ALA A 532 5.95 5.09 -16.61
N THR A 533 4.77 5.00 -16.00
CA THR A 533 3.53 5.44 -16.63
C THR A 533 3.57 6.93 -16.99
N ASN A 534 3.91 7.78 -16.02
CA ASN A 534 3.95 9.23 -16.21
C ASN A 534 4.99 9.76 -17.18
N ARG A 535 6.12 9.07 -17.26
CA ARG A 535 7.22 9.45 -18.14
C ARG A 535 6.97 9.09 -19.60
N HIS A 536 6.14 8.08 -19.85
CA HIS A 536 5.94 7.64 -21.23
C HIS A 536 4.55 7.56 -21.86
N LEU A 537 3.52 7.46 -21.03
CA LEU A 537 2.14 7.39 -21.51
C LEU A 537 1.52 8.77 -21.30
N SER A 538 1.11 9.41 -22.39
CA SER A 538 0.48 10.73 -22.32
C SER A 538 -0.84 10.64 -21.57
N VAL A 539 -1.23 11.70 -20.84
CA VAL A 539 -2.49 11.72 -20.07
C VAL A 539 -3.67 11.29 -20.94
N VAL A 540 -3.54 11.57 -22.23
CA VAL A 540 -4.52 11.27 -23.27
C VAL A 540 -4.59 9.79 -23.65
N HIS A 541 -3.52 9.06 -23.40
CA HIS A 541 -3.45 7.64 -23.74
C HIS A 541 -4.46 6.81 -22.96
N PRO A 542 -5.17 5.90 -23.66
CA PRO A 542 -6.17 5.05 -23.02
C PRO A 542 -5.62 4.21 -21.86
N ILE A 543 -4.39 3.71 -21.97
CA ILE A 543 -3.84 2.90 -20.90
C ILE A 543 -3.50 3.73 -19.67
N TYR A 544 -3.11 4.98 -19.93
CA TYR A 544 -2.79 5.90 -18.87
C TYR A 544 -4.03 6.10 -17.99
N LYS A 545 -5.19 6.29 -18.63
CA LYS A 545 -6.46 6.51 -17.92
C LYS A 545 -6.95 5.29 -17.18
N LEU A 546 -6.55 4.13 -17.65
CA LEU A 546 -6.94 2.88 -17.02
C LEU A 546 -6.14 2.70 -15.75
N LEU A 547 -4.87 3.12 -15.81
CA LEU A 547 -3.93 2.97 -14.69
C LEU A 547 -3.95 4.03 -13.59
N HIS A 548 -4.09 5.30 -13.99
CA HIS A 548 -4.06 6.42 -13.05
C HIS A 548 -4.73 6.35 -11.67
N PRO A 549 -6.02 5.97 -11.61
CA PRO A 549 -6.69 5.91 -10.30
C PRO A 549 -5.98 5.03 -9.28
N HIS A 550 -5.28 4.02 -9.76
CA HIS A 550 -4.59 3.07 -8.88
C HIS A 550 -3.21 3.49 -8.45
N TYR A 551 -2.89 4.75 -8.69
CA TYR A 551 -1.59 5.31 -8.34
C TYR A 551 -1.75 6.42 -7.29
N ARG A 552 -2.98 6.88 -7.09
CA ARG A 552 -3.28 7.96 -6.16
C ARG A 552 -2.60 7.92 -4.78
N ASP A 553 -1.78 8.94 -4.51
CA ASP A 553 -1.06 9.11 -3.25
C ASP A 553 -0.04 8.03 -2.86
N THR A 554 0.32 7.16 -3.80
CA THR A 554 1.28 6.10 -3.51
C THR A 554 2.70 6.65 -3.30
N MET A 555 3.16 7.51 -4.22
CA MET A 555 4.49 8.10 -4.11
C MET A 555 4.63 8.96 -2.85
N ASN A 556 3.50 9.49 -2.37
CA ASN A 556 3.47 10.34 -1.19
C ASN A 556 3.53 9.55 0.09
N ILE A 557 2.89 8.39 0.11
CA ILE A 557 2.88 7.57 1.30
C ILE A 557 4.25 6.87 1.42
N ASN A 558 4.86 6.60 0.27
CA ASN A 558 6.18 5.95 0.21
C ASN A 558 7.28 6.94 0.60
N GLY A 559 7.10 8.19 0.18
CA GLY A 559 8.07 9.23 0.50
C GLY A 559 8.14 9.38 2.01
N LEU A 560 7.01 9.22 2.69
CA LEU A 560 6.94 9.31 4.15
C LEU A 560 7.67 8.11 4.78
N ALA A 561 7.47 6.92 4.20
CA ALA A 561 8.09 5.69 4.69
C ALA A 561 9.61 5.79 4.65
N ARG A 562 10.15 6.35 3.58
CA ARG A 562 11.60 6.51 3.45
C ARG A 562 12.11 7.50 4.46
N LEU A 563 11.25 8.45 4.82
CA LEU A 563 11.61 9.49 5.79
C LEU A 563 11.47 9.06 7.25
N SER A 564 10.46 8.27 7.59
CA SER A 564 10.29 7.89 8.99
C SER A 564 9.73 6.50 9.32
N LEU A 565 9.57 5.65 8.32
CA LEU A 565 9.05 4.30 8.57
C LEU A 565 10.09 3.23 8.40
N VAL A 566 10.73 3.22 7.25
CA VAL A 566 11.71 2.23 6.90
C VAL A 566 13.15 2.81 6.91
N ASN A 567 13.34 3.93 7.61
CA ASN A 567 14.65 4.58 7.70
C ASN A 567 15.53 4.12 8.87
N ASP A 568 16.77 4.61 8.87
CA ASP A 568 17.80 4.31 9.86
C ASP A 568 17.40 4.06 11.32
N GLY A 569 16.58 4.91 11.90
CA GLY A 569 16.17 4.66 13.28
C GLY A 569 14.66 4.60 13.38
N GLY A 570 14.02 4.43 12.23
CA GLY A 570 12.57 4.39 12.15
C GLY A 570 11.83 3.39 13.00
N VAL A 571 10.51 3.53 12.94
CA VAL A 571 9.57 2.69 13.67
C VAL A 571 9.69 1.21 13.36
N ILE A 572 10.00 0.89 12.11
CA ILE A 572 10.12 -0.50 11.68
C ILE A 572 11.32 -1.19 12.29
N GLU A 573 12.46 -0.52 12.27
CA GLU A 573 13.69 -1.07 12.83
C GLU A 573 13.53 -1.22 14.34
N GLN A 574 12.82 -0.26 14.94
CA GLN A 574 12.60 -0.26 16.38
C GLN A 574 11.51 -1.17 16.90
N THR A 575 10.63 -1.67 16.02
CA THR A 575 9.51 -2.50 16.47
C THR A 575 9.48 -3.93 15.94
N PHE A 576 10.20 -4.18 14.87
CA PHE A 576 10.19 -5.51 14.28
C PHE A 576 11.47 -6.33 14.42
N LEU A 577 11.29 -7.63 14.59
CA LEU A 577 12.36 -8.64 14.76
C LEU A 577 13.66 -8.44 13.96
N TRP A 578 13.55 -8.28 12.64
CA TRP A 578 14.71 -8.11 11.75
C TRP A 578 15.57 -6.87 12.03
N GLY A 579 15.11 -6.04 12.95
CA GLY A 579 15.84 -4.84 13.34
C GLY A 579 16.47 -3.96 12.28
N ARG A 580 17.78 -3.71 12.43
CA ARG A 580 18.50 -2.86 11.49
C ARG A 580 18.73 -3.53 10.14
N TYR A 581 18.40 -4.82 10.07
CA TYR A 581 18.56 -5.55 8.84
C TYR A 581 17.19 -5.76 8.19
N SER A 582 16.21 -4.97 8.64
CA SER A 582 14.85 -5.10 8.12
C SER A 582 14.71 -4.88 6.62
N VAL A 583 15.09 -3.71 6.13
CA VAL A 583 14.94 -3.43 4.71
C VAL A 583 15.89 -4.19 3.81
N GLU A 584 17.14 -4.37 4.23
CA GLU A 584 18.08 -5.10 3.40
C GLU A 584 17.65 -6.55 3.24
N MET A 585 17.08 -7.14 4.28
CA MET A 585 16.59 -8.52 4.19
C MET A 585 15.45 -8.62 3.17
N SER A 586 14.68 -7.54 3.02
CA SER A 586 13.58 -7.56 2.06
C SER A 586 14.13 -7.47 0.63
N ALA A 587 15.35 -6.94 0.48
CA ALA A 587 15.95 -6.86 -0.85
C ALA A 587 16.42 -8.26 -1.23
N VAL A 588 16.78 -9.06 -0.23
CA VAL A 588 17.23 -10.44 -0.47
C VAL A 588 16.03 -11.29 -0.91
N VAL A 589 14.85 -10.93 -0.41
CA VAL A 589 13.62 -11.64 -0.77
C VAL A 589 13.17 -11.17 -2.16
N TYR A 590 13.46 -9.90 -2.48
CA TYR A 590 13.10 -9.36 -3.79
C TYR A 590 13.71 -10.24 -4.87
N LYS A 591 14.83 -10.88 -4.53
CA LYS A 591 15.51 -11.78 -5.46
C LYS A 591 14.55 -12.82 -6.04
N ASP A 592 13.69 -13.37 -5.19
CA ASP A 592 12.73 -14.39 -5.60
C ASP A 592 11.43 -13.87 -6.19
N TRP A 593 11.24 -12.56 -6.19
CA TRP A 593 10.02 -11.95 -6.70
C TRP A 593 9.91 -12.03 -8.21
N VAL A 594 8.79 -12.58 -8.68
CA VAL A 594 8.50 -12.68 -10.12
C VAL A 594 7.11 -12.06 -10.41
N PHE A 595 7.09 -11.02 -11.24
CA PHE A 595 5.88 -10.29 -11.60
C PHE A 595 4.66 -11.15 -11.86
N THR A 596 4.78 -12.03 -12.85
CA THR A 596 3.70 -12.91 -13.24
C THR A 596 3.16 -13.80 -12.14
N ASP A 597 3.95 -14.00 -11.09
CA ASP A 597 3.48 -14.83 -9.98
C ASP A 597 2.69 -14.01 -8.96
N GLN A 598 2.49 -12.73 -9.25
CA GLN A 598 1.74 -11.84 -8.38
C GLN A 598 0.24 -11.93 -8.65
N ALA A 599 -0.13 -12.49 -9.80
CA ALA A 599 -1.53 -12.67 -10.16
C ALA A 599 -2.07 -13.71 -9.19
N LEU A 600 -3.27 -13.50 -8.67
CA LEU A 600 -3.83 -14.41 -7.68
C LEU A 600 -3.88 -15.90 -8.08
N PRO A 601 -4.37 -16.22 -9.29
CA PRO A 601 -4.43 -17.63 -9.67
C PRO A 601 -3.04 -18.29 -9.69
N ALA A 602 -2.08 -17.59 -10.30
CA ALA A 602 -0.70 -18.06 -10.41
C ALA A 602 -0.10 -18.25 -9.03
N ASP A 603 -0.30 -17.28 -8.15
CA ASP A 603 0.22 -17.39 -6.79
C ASP A 603 -0.31 -18.65 -6.11
N LEU A 604 -1.63 -18.83 -6.11
CA LEU A 604 -2.28 -20.00 -5.50
C LEU A 604 -1.71 -21.33 -5.99
N ILE A 605 -1.56 -21.44 -7.31
CA ILE A 605 -1.02 -22.63 -7.95
C ILE A 605 0.43 -22.81 -7.54
N LYS A 606 1.17 -21.72 -7.55
CA LYS A 606 2.58 -21.72 -7.18
C LYS A 606 2.78 -22.31 -5.78
N ARG A 607 1.88 -22.00 -4.86
CA ARG A 607 1.97 -22.48 -3.49
C ARG A 607 1.22 -23.81 -3.31
N GLY A 608 0.79 -24.40 -4.42
CA GLY A 608 0.09 -25.66 -4.37
C GLY A 608 -1.26 -25.63 -3.69
N MET A 609 -1.81 -24.43 -3.50
CA MET A 609 -3.12 -24.27 -2.85
C MET A 609 -4.28 -24.48 -3.81
N ALA A 610 -4.00 -24.41 -5.11
CA ALA A 610 -5.02 -24.61 -6.15
C ALA A 610 -4.41 -25.41 -7.30
N ILE A 611 -5.24 -26.19 -7.98
CA ILE A 611 -4.80 -26.98 -9.12
C ILE A 611 -5.64 -26.51 -10.29
N GLU A 612 -5.11 -26.60 -11.51
CA GLU A 612 -5.88 -26.18 -12.67
C GLU A 612 -6.99 -27.22 -12.91
N ASP A 613 -8.22 -26.72 -12.99
CA ASP A 613 -9.41 -27.54 -13.18
C ASP A 613 -10.43 -26.67 -13.91
N PRO A 614 -10.57 -26.86 -15.24
CA PRO A 614 -11.49 -26.13 -16.13
C PRO A 614 -12.97 -26.14 -15.73
N SER A 615 -13.41 -27.23 -15.11
CA SER A 615 -14.79 -27.35 -14.67
C SER A 615 -15.15 -26.30 -13.62
N CYS A 616 -14.19 -25.99 -12.74
CA CYS A 616 -14.39 -25.00 -11.67
C CYS A 616 -14.67 -23.59 -12.18
N PRO A 617 -15.47 -22.80 -11.42
CA PRO A 617 -15.88 -21.42 -11.71
C PRO A 617 -14.81 -20.42 -12.18
N HIS A 618 -13.63 -20.48 -11.58
CA HIS A 618 -12.56 -19.57 -11.99
C HIS A 618 -11.42 -20.30 -12.69
N GLY A 619 -11.70 -21.52 -13.14
CA GLY A 619 -10.70 -22.32 -13.85
C GLY A 619 -9.66 -23.02 -13.00
N ILE A 620 -9.85 -23.06 -11.68
CA ILE A 620 -8.92 -23.71 -10.75
C ILE A 620 -9.66 -24.36 -9.59
N ARG A 621 -9.18 -25.53 -9.16
CA ARG A 621 -9.78 -26.23 -8.03
C ARG A 621 -8.93 -25.97 -6.78
N LEU A 622 -9.56 -25.41 -5.75
CA LEU A 622 -8.89 -25.09 -4.49
C LEU A 622 -8.66 -26.28 -3.58
N VAL A 623 -7.42 -26.46 -3.11
CA VAL A 623 -7.11 -27.59 -2.24
C VAL A 623 -7.85 -27.47 -0.90
N ILE A 624 -7.97 -26.25 -0.38
CA ILE A 624 -8.72 -25.95 0.84
C ILE A 624 -9.82 -25.01 0.36
N GLU A 625 -11.07 -25.45 0.41
CA GLU A 625 -12.18 -24.63 -0.06
C GLU A 625 -12.55 -23.50 0.88
N ASP A 626 -12.42 -23.74 2.18
CA ASP A 626 -12.72 -22.77 3.23
C ASP A 626 -11.53 -21.80 3.43
N TYR A 627 -11.05 -21.23 2.34
CA TYR A 627 -9.91 -20.32 2.34
C TYR A 627 -10.40 -18.93 1.95
N PRO A 628 -10.87 -18.17 2.94
CA PRO A 628 -11.40 -16.81 2.77
C PRO A 628 -10.70 -15.90 1.78
N TYR A 629 -9.44 -15.57 2.03
CA TYR A 629 -8.67 -14.70 1.14
C TYR A 629 -8.73 -15.11 -0.32
N THR A 630 -8.51 -16.39 -0.56
CA THR A 630 -8.51 -16.94 -1.90
C THR A 630 -9.88 -16.94 -2.55
N VAL A 631 -10.86 -17.54 -1.89
CA VAL A 631 -12.22 -17.62 -2.42
C VAL A 631 -12.75 -16.24 -2.79
N ASP A 632 -12.62 -15.27 -1.88
CA ASP A 632 -13.08 -13.91 -2.11
C ASP A 632 -12.26 -13.15 -3.15
N GLY A 633 -10.93 -13.17 -3.03
CA GLY A 633 -10.06 -12.48 -3.98
C GLY A 633 -10.13 -12.95 -5.43
N LEU A 634 -10.49 -14.21 -5.62
CA LEU A 634 -10.65 -14.80 -6.95
C LEU A 634 -11.82 -14.10 -7.67
N GLU A 635 -12.86 -13.72 -6.91
CA GLU A 635 -14.03 -13.02 -7.44
C GLU A 635 -13.63 -11.63 -7.90
N ILE A 636 -12.89 -10.93 -7.05
CA ILE A 636 -12.40 -9.57 -7.34
C ILE A 636 -11.33 -9.54 -8.43
N TRP A 637 -10.43 -10.52 -8.41
CA TRP A 637 -9.37 -10.64 -9.41
C TRP A 637 -10.01 -10.79 -10.81
N ASP A 638 -10.98 -11.70 -10.90
CA ASP A 638 -11.71 -11.98 -12.14
C ASP A 638 -12.49 -10.75 -12.61
N ALA A 639 -13.03 -10.00 -11.66
CA ALA A 639 -13.76 -8.80 -12.01
C ALA A 639 -12.79 -7.83 -12.67
N ILE A 640 -11.57 -7.75 -12.10
CA ILE A 640 -10.50 -6.89 -12.61
C ILE A 640 -10.05 -7.31 -14.00
N LYS A 641 -9.92 -8.63 -14.19
CA LYS A 641 -9.49 -9.21 -15.45
C LYS A 641 -10.46 -8.85 -16.56
N THR A 642 -11.74 -9.08 -16.32
CA THR A 642 -12.80 -8.81 -17.29
C THR A 642 -12.83 -7.33 -17.68
N TRP A 643 -12.73 -6.47 -16.67
CA TRP A 643 -12.73 -5.03 -16.87
C TRP A 643 -11.54 -4.57 -17.72
N VAL A 644 -10.33 -5.06 -17.41
CA VAL A 644 -9.13 -4.68 -18.16
C VAL A 644 -9.19 -5.23 -19.59
N HIS A 645 -9.67 -6.46 -19.73
CA HIS A 645 -9.79 -7.08 -21.04
C HIS A 645 -10.78 -6.29 -21.92
N GLU A 646 -11.96 -6.00 -21.38
CA GLU A 646 -12.98 -5.23 -22.10
C GLU A 646 -12.40 -3.88 -22.46
N TYR A 647 -11.71 -3.25 -21.50
CA TYR A 647 -11.12 -1.95 -21.75
C TYR A 647 -10.02 -1.96 -22.81
N VAL A 648 -9.09 -2.90 -22.72
CA VAL A 648 -7.98 -2.99 -23.70
C VAL A 648 -8.45 -3.27 -25.15
N PHE A 649 -9.23 -4.34 -25.34
CA PHE A 649 -9.71 -4.69 -26.67
C PHE A 649 -10.69 -3.67 -27.26
N LEU A 650 -10.82 -2.54 -26.59
CA LEU A 650 -11.71 -1.48 -27.03
C LEU A 650 -10.88 -0.47 -27.82
N TYR A 651 -9.59 -0.43 -27.53
CA TYR A 651 -8.66 0.50 -28.18
C TYR A 651 -7.66 -0.14 -29.12
N TYR A 652 -7.35 -1.41 -28.88
CA TYR A 652 -6.40 -2.16 -29.69
C TYR A 652 -7.07 -3.14 -30.67
N LYS A 653 -7.05 -2.77 -31.94
CA LYS A 653 -7.66 -3.53 -33.04
C LYS A 653 -7.03 -4.89 -33.33
N SER A 654 -5.70 -4.95 -33.31
CA SER A 654 -4.94 -6.18 -33.56
C SER A 654 -3.68 -6.15 -32.72
N ASP A 655 -2.92 -7.26 -32.72
CA ASP A 655 -1.69 -7.31 -31.94
C ASP A 655 -0.64 -6.37 -32.50
N ASP A 656 -0.77 -6.03 -33.78
CA ASP A 656 0.17 -5.14 -34.44
C ASP A 656 -0.05 -3.69 -34.03
N THR A 657 -1.29 -3.33 -33.67
CA THR A 657 -1.54 -1.96 -33.24
C THR A 657 -0.86 -1.73 -31.88
N LEU A 658 -0.61 -2.82 -31.15
CA LEU A 658 0.04 -2.75 -29.85
C LEU A 658 1.53 -2.57 -30.02
N ARG A 659 2.11 -3.38 -30.91
CA ARG A 659 3.54 -3.31 -31.22
C ARG A 659 3.92 -2.00 -31.87
N GLU A 660 2.95 -1.37 -32.53
CA GLU A 660 3.18 -0.09 -33.20
C GLU A 660 3.10 1.08 -32.24
N ASP A 661 2.54 0.84 -31.06
CA ASP A 661 2.37 1.88 -30.03
C ASP A 661 3.71 2.29 -29.41
N PRO A 662 4.26 3.46 -29.83
CA PRO A 662 5.54 3.93 -29.31
C PRO A 662 5.55 4.28 -27.82
N GLU A 663 4.46 4.87 -27.34
CA GLU A 663 4.36 5.23 -25.93
C GLU A 663 4.29 4.04 -25.01
N LEU A 664 3.51 3.02 -25.39
CA LEU A 664 3.37 1.83 -24.58
C LEU A 664 4.68 1.02 -24.54
N GLN A 665 5.36 0.97 -25.69
CA GLN A 665 6.61 0.23 -25.82
C GLN A 665 7.75 0.88 -25.03
N ALA A 666 7.90 2.21 -25.18
CA ALA A 666 8.93 2.92 -24.46
C ALA A 666 8.66 2.83 -22.95
N CYS A 667 7.38 2.78 -22.59
CA CYS A 667 6.98 2.67 -21.19
C CYS A 667 7.44 1.34 -20.59
N TRP A 668 7.07 0.24 -21.21
CA TRP A 668 7.42 -1.08 -20.71
C TRP A 668 8.92 -1.33 -20.68
N LYS A 669 9.60 -0.88 -21.73
CA LYS A 669 11.03 -1.06 -21.87
C LYS A 669 11.77 -0.42 -20.67
N GLU A 670 11.44 0.83 -20.38
CA GLU A 670 12.04 1.57 -19.28
C GLU A 670 11.67 0.96 -17.92
N LEU A 671 10.49 0.36 -17.85
CA LEU A 671 10.02 -0.28 -16.64
C LEU A 671 10.90 -1.50 -16.35
N VAL A 672 11.04 -2.37 -17.35
CA VAL A 672 11.85 -3.56 -17.21
C VAL A 672 13.35 -3.22 -17.09
N GLU A 673 13.84 -2.39 -18.00
CA GLU A 673 15.25 -2.02 -18.03
C GLU A 673 15.72 -1.02 -16.98
N VAL A 674 14.80 -0.23 -16.44
CA VAL A 674 15.18 0.74 -15.43
C VAL A 674 14.41 0.55 -14.12
N GLY A 675 13.09 0.70 -14.19
CA GLY A 675 12.23 0.59 -13.02
C GLY A 675 12.51 -0.59 -12.11
N HIS A 676 12.63 -1.77 -12.72
CA HIS A 676 12.96 -3.00 -11.99
C HIS A 676 14.21 -3.51 -12.71
N GLY A 677 15.12 -2.57 -12.94
CA GLY A 677 16.37 -2.82 -13.64
C GLY A 677 17.30 -3.91 -13.16
N ASP A 678 17.16 -4.33 -11.91
CA ASP A 678 18.01 -5.40 -11.40
C ASP A 678 17.55 -6.76 -11.94
N LYS A 679 16.35 -6.75 -12.53
CA LYS A 679 15.74 -7.95 -13.10
C LYS A 679 15.47 -7.83 -14.60
N LYS A 680 16.19 -6.92 -15.28
CA LYS A 680 16.01 -6.68 -16.71
C LYS A 680 16.17 -7.91 -17.58
N ASN A 681 17.02 -8.83 -17.15
CA ASN A 681 17.29 -10.06 -17.91
C ASN A 681 16.44 -11.25 -17.51
N GLU A 682 15.43 -11.01 -16.69
CA GLU A 682 14.55 -12.08 -16.28
C GLU A 682 13.73 -12.56 -17.46
N PRO A 683 13.70 -13.88 -17.67
CA PRO A 683 12.97 -14.51 -18.77
C PRO A 683 11.45 -14.47 -18.68
N TRP A 684 10.91 -14.19 -17.50
CA TRP A 684 9.46 -14.16 -17.30
C TRP A 684 8.72 -12.87 -17.65
N TRP A 685 9.47 -11.81 -17.94
CA TRP A 685 8.84 -10.53 -18.28
C TRP A 685 7.97 -10.62 -19.52
N PRO A 686 6.74 -10.09 -19.43
CA PRO A 686 5.85 -10.14 -20.59
C PRO A 686 6.47 -9.25 -21.65
N LYS A 687 6.32 -9.64 -22.90
CA LYS A 687 6.83 -8.85 -24.01
C LYS A 687 5.58 -8.09 -24.45
N MET A 688 5.63 -6.77 -24.57
CA MET A 688 4.43 -6.08 -25.01
C MET A 688 4.26 -6.29 -26.52
N GLN A 689 3.82 -7.50 -26.88
CA GLN A 689 3.64 -7.88 -28.28
C GLN A 689 2.19 -8.32 -28.58
N THR A 690 1.58 -9.01 -27.62
CA THR A 690 0.21 -9.50 -27.75
C THR A 690 -0.67 -8.63 -26.86
N ARG A 691 -1.97 -8.54 -27.19
CA ARG A 691 -2.91 -7.77 -26.38
C ARG A 691 -3.18 -8.46 -25.04
N GLU A 692 -3.07 -9.78 -25.02
CA GLU A 692 -3.31 -10.57 -23.81
C GLU A 692 -2.19 -10.44 -22.80
N GLU A 693 -1.05 -9.93 -23.23
CA GLU A 693 0.07 -9.73 -22.34
C GLU A 693 -0.15 -8.41 -21.60
N LEU A 694 -0.73 -7.44 -22.32
CA LEU A 694 -1.03 -6.14 -21.76
C LEU A 694 -2.20 -6.24 -20.77
N VAL A 695 -3.13 -7.15 -21.05
CA VAL A 695 -4.28 -7.36 -20.17
C VAL A 695 -3.78 -7.97 -18.87
N GLU A 696 -2.88 -8.94 -19.00
CA GLU A 696 -2.32 -9.63 -17.84
C GLU A 696 -1.50 -8.68 -16.98
N ALA A 697 -0.61 -7.93 -17.62
CA ALA A 697 0.25 -6.97 -16.94
C ALA A 697 -0.57 -5.92 -16.19
N CYS A 698 -1.58 -5.37 -16.86
CA CYS A 698 -2.43 -4.35 -16.24
C CYS A 698 -3.27 -4.90 -15.09
N ALA A 699 -3.73 -6.13 -15.23
CA ALA A 699 -4.53 -6.78 -14.20
C ALA A 699 -3.70 -7.00 -12.92
N ILE A 700 -2.44 -7.37 -13.09
CA ILE A 700 -1.54 -7.60 -11.95
C ILE A 700 -1.29 -6.28 -11.19
N ILE A 701 -1.01 -5.22 -11.94
CA ILE A 701 -0.75 -3.90 -11.37
C ILE A 701 -1.93 -3.42 -10.52
N ILE A 702 -3.14 -3.52 -11.07
CA ILE A 702 -4.37 -3.09 -10.41
C ILE A 702 -4.65 -3.95 -9.19
N TRP A 703 -4.50 -5.26 -9.34
CA TRP A 703 -4.71 -6.21 -8.25
C TRP A 703 -3.80 -5.85 -7.07
N THR A 704 -2.55 -5.56 -7.37
CA THR A 704 -1.54 -5.22 -6.37
C THR A 704 -1.86 -3.92 -5.66
N ALA A 705 -2.20 -2.89 -6.43
CA ALA A 705 -2.50 -1.57 -5.90
C ALA A 705 -3.81 -1.52 -5.10
N SER A 706 -4.75 -2.41 -5.41
CA SER A 706 -6.04 -2.38 -4.74
C SER A 706 -6.31 -3.50 -3.74
N ALA A 707 -6.76 -4.65 -4.26
CA ALA A 707 -7.11 -5.81 -3.42
C ALA A 707 -5.99 -6.52 -2.66
N LEU A 708 -4.77 -6.51 -3.17
CA LEU A 708 -3.70 -7.18 -2.45
C LEU A 708 -3.29 -6.36 -1.24
N HIS A 709 -3.09 -5.05 -1.46
CA HIS A 709 -2.70 -4.13 -0.39
C HIS A 709 -3.80 -4.05 0.65
N ALA A 710 -5.05 -4.04 0.20
CA ALA A 710 -6.18 -3.98 1.10
C ALA A 710 -6.23 -5.23 1.99
N ALA A 711 -6.11 -6.41 1.40
CA ALA A 711 -6.14 -7.66 2.16
C ALA A 711 -4.97 -7.78 3.13
N VAL A 712 -3.91 -7.04 2.83
CA VAL A 712 -2.71 -7.05 3.63
C VAL A 712 -2.60 -5.94 4.68
N ASN A 713 -3.05 -4.72 4.35
CA ASN A 713 -2.94 -3.57 5.25
C ASN A 713 -4.11 -3.35 6.24
N PHE A 714 -5.35 -3.66 5.84
CA PHE A 714 -6.51 -3.35 6.69
C PHE A 714 -6.95 -4.18 7.88
N GLY A 715 -6.34 -5.35 8.07
CA GLY A 715 -6.68 -6.18 9.20
C GLY A 715 -5.58 -6.06 10.26
N GLN A 716 -4.63 -5.16 10.04
CA GLN A 716 -3.50 -4.95 10.95
C GLN A 716 -3.87 -4.64 12.39
N TYR A 717 -4.71 -3.63 12.60
CA TYR A 717 -5.11 -3.31 13.96
C TYR A 717 -6.18 -4.30 14.47
N PRO A 718 -7.19 -4.61 13.64
CA PRO A 718 -8.23 -5.57 14.08
C PRO A 718 -7.66 -6.92 14.56
N TYR A 719 -6.56 -7.36 13.96
CA TYR A 719 -5.94 -8.63 14.37
C TYR A 719 -4.75 -8.36 15.25
N GLY A 720 -3.93 -7.39 14.86
CA GLY A 720 -2.72 -7.05 15.58
C GLY A 720 -2.78 -5.91 16.59
N GLY A 721 -3.98 -5.40 16.87
CA GLY A 721 -4.14 -4.34 17.85
C GLY A 721 -3.95 -4.93 19.25
N LEU A 722 -4.01 -6.25 19.33
CA LEU A 722 -3.79 -7.00 20.56
C LEU A 722 -2.39 -7.62 20.36
N ILE A 723 -1.37 -6.93 20.87
CA ILE A 723 0.04 -7.33 20.77
C ILE A 723 0.29 -8.79 21.16
N LEU A 724 -0.56 -9.32 22.06
CA LEU A 724 -0.44 -10.70 22.51
C LEU A 724 -0.69 -11.66 21.36
N ASN A 725 -1.61 -11.26 20.47
CA ASN A 725 -2.02 -12.06 19.29
C ASN A 725 -1.03 -11.95 18.12
N ARG A 726 -0.46 -10.75 17.91
CA ARG A 726 0.52 -10.57 16.87
C ARG A 726 1.74 -9.85 17.42
N PRO A 727 2.55 -10.55 18.25
CA PRO A 727 3.75 -9.90 18.79
C PRO A 727 4.75 -9.72 17.65
N THR A 728 5.49 -8.61 17.71
CA THR A 728 6.44 -8.25 16.66
C THR A 728 7.90 -8.43 17.02
N LEU A 729 8.17 -8.84 18.25
CA LEU A 729 9.54 -8.97 18.71
C LEU A 729 9.65 -10.10 19.76
N SER A 730 10.78 -10.80 19.73
CA SER A 730 11.08 -11.88 20.68
C SER A 730 12.31 -11.47 21.45
N ARG A 731 12.20 -11.46 22.78
CA ARG A 731 13.31 -11.04 23.64
C ARG A 731 13.98 -12.15 24.42
N ARG A 732 13.39 -13.33 24.44
CA ARG A 732 13.95 -14.48 25.15
C ARG A 732 13.90 -15.74 24.32
N PHE A 733 14.72 -16.71 24.74
CA PHE A 733 14.78 -18.02 24.10
C PHE A 733 13.84 -18.90 24.90
N MET A 734 13.50 -20.06 24.33
CA MET A 734 12.61 -21.02 24.97
C MET A 734 13.17 -21.50 26.32
N PRO A 735 12.46 -21.24 27.43
CA PRO A 735 12.83 -21.62 28.80
C PRO A 735 13.46 -23.00 28.93
N GLU A 736 14.61 -23.05 29.56
CA GLU A 736 15.35 -24.30 29.78
C GLU A 736 14.60 -25.20 30.75
N LYS A 737 14.27 -26.41 30.28
CA LYS A 737 13.51 -27.41 31.04
C LYS A 737 13.72 -27.50 32.57
N GLY A 738 14.93 -27.26 33.04
CA GLY A 738 15.18 -27.33 34.47
C GLY A 738 15.49 -25.98 35.10
N SER A 739 15.84 -25.01 34.27
CA SER A 739 16.18 -23.66 34.73
C SER A 739 15.09 -22.92 35.50
N ALA A 740 15.46 -21.78 36.05
CA ALA A 740 14.55 -20.93 36.82
C ALA A 740 13.49 -20.34 35.89
N GLU A 741 13.78 -20.35 34.60
CA GLU A 741 12.87 -19.82 33.59
C GLU A 741 11.67 -20.76 33.49
N TYR A 742 11.96 -22.06 33.40
CA TYR A 742 10.95 -23.10 33.29
C TYR A 742 10.02 -23.07 34.50
N GLU A 743 10.58 -22.75 35.66
CA GLU A 743 9.81 -22.69 36.90
C GLU A 743 8.92 -21.45 36.93
N GLU A 744 9.29 -20.45 36.12
CA GLU A 744 8.51 -19.23 36.03
C GLU A 744 7.27 -19.49 35.17
N LEU A 745 7.41 -20.36 34.17
CA LEU A 745 6.28 -20.74 33.30
C LEU A 745 5.22 -21.41 34.16
N ARG A 746 5.69 -22.21 35.12
CA ARG A 746 4.83 -22.93 36.03
C ARG A 746 4.15 -21.96 36.99
N LYS A 747 4.94 -21.00 37.48
CA LYS A 747 4.43 -20.00 38.41
C LYS A 747 3.59 -18.92 37.72
N ASN A 748 4.25 -18.09 36.91
CA ASN A 748 3.56 -17.01 36.20
C ASN A 748 3.77 -17.03 34.69
N PRO A 749 3.04 -17.92 33.98
CA PRO A 749 3.16 -18.01 32.51
C PRO A 749 2.82 -16.71 31.81
N GLN A 750 1.88 -15.94 32.34
CA GLN A 750 1.52 -14.66 31.76
C GLN A 750 2.71 -13.71 31.70
N LYS A 751 3.38 -13.52 32.84
CA LYS A 751 4.55 -12.63 32.89
C LYS A 751 5.68 -13.26 32.05
N ALA A 752 5.70 -14.58 31.97
CA ALA A 752 6.68 -15.31 31.19
C ALA A 752 6.45 -15.01 29.70
N TYR A 753 5.17 -14.90 29.32
CA TYR A 753 4.80 -14.60 27.94
C TYR A 753 5.11 -13.13 27.64
N LEU A 754 4.90 -12.26 28.62
CA LEU A 754 5.16 -10.84 28.45
C LEU A 754 6.65 -10.49 28.30
N LYS A 755 7.51 -11.25 28.96
CA LYS A 755 8.96 -11.01 28.88
C LYS A 755 9.57 -11.58 27.60
N THR A 756 8.81 -12.43 26.93
CA THR A 756 9.25 -13.03 25.68
C THR A 756 8.91 -12.14 24.48
N ILE A 757 7.72 -11.54 24.49
CA ILE A 757 7.24 -10.70 23.39
C ILE A 757 7.62 -9.22 23.50
N THR A 758 7.08 -8.44 22.57
CA THR A 758 7.35 -7.01 22.48
C THR A 758 7.16 -6.26 23.80
N PRO A 759 8.15 -5.45 24.20
CA PRO A 759 8.06 -4.68 25.44
C PRO A 759 6.94 -3.63 25.40
N LYS A 760 6.66 -3.00 26.53
CA LYS A 760 5.60 -2.01 26.62
C LYS A 760 5.75 -0.77 25.74
N PHE A 761 6.94 -0.20 25.70
CA PHE A 761 7.14 1.01 24.90
C PHE A 761 6.89 0.76 23.43
N GLN A 762 7.55 -0.27 22.88
CA GLN A 762 7.39 -0.63 21.47
C GLN A 762 5.97 -1.04 21.13
N THR A 763 5.23 -1.53 22.12
CA THR A 763 3.85 -1.92 21.90
C THR A 763 2.98 -0.69 21.66
N LEU A 764 3.29 0.40 22.37
CA LEU A 764 2.54 1.66 22.23
C LEU A 764 2.84 2.35 20.91
N ILE A 765 4.03 2.14 20.37
CA ILE A 765 4.41 2.73 19.10
C ILE A 765 3.74 1.92 18.01
N ASP A 766 3.76 0.60 18.16
CA ASP A 766 3.16 -0.29 17.20
C ASP A 766 1.66 -0.03 17.08
N LEU A 767 0.97 0.02 18.22
CA LEU A 767 -0.47 0.27 18.23
C LEU A 767 -0.82 1.61 17.62
N SER A 768 0.01 2.61 17.89
CA SER A 768 -0.21 3.94 17.37
C SER A 768 -0.08 3.97 15.84
N VAL A 769 1.00 3.37 15.34
CA VAL A 769 1.26 3.34 13.91
C VAL A 769 0.30 2.45 13.10
N ILE A 770 0.07 1.21 13.54
CA ILE A 770 -0.83 0.34 12.79
C ILE A 770 -2.28 0.76 12.96
N GLU A 771 -2.54 1.70 13.86
CA GLU A 771 -3.90 2.19 14.08
C GLU A 771 -4.21 3.18 12.96
N ILE A 772 -3.21 3.98 12.57
CA ILE A 772 -3.36 4.95 11.49
C ILE A 772 -3.42 4.24 10.12
N LEU A 773 -2.50 3.28 9.93
CA LEU A 773 -2.39 2.47 8.71
C LEU A 773 -3.65 1.69 8.35
N SER A 774 -4.36 1.19 9.37
CA SER A 774 -5.58 0.42 9.19
C SER A 774 -6.87 1.24 9.06
N ARG A 775 -6.74 2.56 9.02
CA ARG A 775 -7.89 3.45 8.91
C ARG A 775 -8.15 4.02 7.50
N HIS A 776 -9.43 4.18 7.15
CA HIS A 776 -9.82 4.72 5.86
C HIS A 776 -10.09 6.20 6.00
N ALA A 777 -9.50 7.00 5.11
CA ALA A 777 -9.75 8.44 5.13
C ALA A 777 -11.19 8.61 4.65
N SER A 778 -11.83 9.73 4.94
CA SER A 778 -13.21 9.93 4.51
C SER A 778 -13.37 10.22 3.00
N ASP A 779 -12.30 10.70 2.36
CA ASP A 779 -12.34 11.01 0.93
C ASP A 779 -11.66 9.93 0.08
N GLU A 780 -11.69 8.70 0.58
CA GLU A 780 -11.09 7.54 -0.09
C GLU A 780 -11.88 7.15 -1.34
N VAL A 781 -11.18 6.89 -2.44
CA VAL A 781 -11.82 6.47 -3.70
C VAL A 781 -11.67 4.96 -3.76
N TYR A 782 -12.79 4.26 -3.67
CA TYR A 782 -12.79 2.80 -3.67
C TYR A 782 -12.84 2.14 -5.04
N LEU A 783 -12.39 0.88 -5.05
CA LEU A 783 -12.37 0.08 -6.27
C LEU A 783 -13.75 0.04 -6.89
N GLY A 784 -14.79 0.04 -6.04
CA GLY A 784 -16.17 0.01 -6.50
C GLY A 784 -16.50 1.01 -7.60
N GLU A 785 -15.92 0.76 -8.77
CA GLU A 785 -16.04 1.59 -9.96
C GLU A 785 -15.92 3.06 -9.68
N ARG A 786 -15.30 3.41 -8.56
CA ARG A 786 -15.18 4.82 -8.27
C ARG A 786 -14.04 5.45 -9.03
N ASP A 787 -14.32 6.62 -9.58
CA ASP A 787 -13.37 7.42 -10.34
C ASP A 787 -13.73 8.81 -9.79
N ASN A 788 -13.71 9.85 -10.63
CA ASN A 788 -14.09 11.18 -10.17
C ASN A 788 -15.24 11.80 -10.99
N PRO A 789 -15.05 12.01 -12.32
CA PRO A 789 -16.23 12.59 -12.99
C PRO A 789 -16.42 12.14 -14.44
N ASN A 790 -15.86 12.93 -15.36
CA ASN A 790 -15.90 12.72 -16.80
C ASN A 790 -14.46 12.51 -17.30
N TRP A 791 -13.81 11.46 -16.80
CA TRP A 791 -12.43 11.14 -17.16
C TRP A 791 -12.20 10.86 -18.65
N THR A 792 -13.26 10.51 -19.36
CA THR A 792 -13.14 10.25 -20.79
C THR A 792 -14.45 10.55 -21.50
N SER A 793 -14.34 10.89 -22.78
CA SER A 793 -15.49 11.18 -23.63
C SER A 793 -15.93 9.92 -24.37
N ASP A 794 -15.13 8.86 -24.25
CA ASP A 794 -15.43 7.58 -24.87
C ASP A 794 -16.56 6.93 -24.10
N THR A 795 -17.74 7.01 -24.69
CA THR A 795 -18.97 6.47 -24.14
C THR A 795 -18.91 4.96 -23.90
N ARG A 796 -18.20 4.25 -24.76
CA ARG A 796 -18.07 2.81 -24.64
C ARG A 796 -17.30 2.45 -23.37
N ALA A 797 -16.25 3.23 -23.07
CA ALA A 797 -15.42 3.02 -21.90
C ALA A 797 -16.22 3.28 -20.63
N LEU A 798 -17.03 4.33 -20.66
CA LEU A 798 -17.86 4.73 -19.53
C LEU A 798 -18.81 3.61 -19.18
N GLU A 799 -19.33 2.95 -20.21
CA GLU A 799 -20.26 1.85 -20.03
C GLU A 799 -19.59 0.59 -19.51
N ALA A 800 -18.39 0.33 -20.01
CA ALA A 800 -17.65 -0.85 -19.58
C ALA A 800 -17.31 -0.64 -18.10
N PHE A 801 -17.14 0.62 -17.71
CA PHE A 801 -16.81 0.97 -16.34
C PHE A 801 -18.00 0.76 -15.39
N LYS A 802 -19.19 1.07 -15.88
CA LYS A 802 -20.39 0.90 -15.08
C LYS A 802 -20.65 -0.58 -14.82
N ARG A 803 -20.36 -1.40 -15.82
CA ARG A 803 -20.54 -2.84 -15.73
C ARG A 803 -19.61 -3.38 -14.66
N PHE A 804 -18.41 -2.79 -14.58
CA PHE A 804 -17.40 -3.17 -13.61
C PHE A 804 -17.93 -2.91 -12.20
N GLY A 805 -18.37 -1.68 -11.96
CA GLY A 805 -18.90 -1.36 -10.66
C GLY A 805 -20.09 -2.21 -10.30
N ASN A 806 -20.86 -2.57 -11.33
CA ASN A 806 -22.03 -3.40 -11.14
C ASN A 806 -21.67 -4.81 -10.67
N LYS A 807 -20.64 -5.42 -11.26
CA LYS A 807 -20.23 -6.77 -10.82
C LYS A 807 -19.57 -6.77 -9.45
N LEU A 808 -19.02 -5.63 -9.07
CA LEU A 808 -18.39 -5.44 -7.76
C LEU A 808 -19.54 -5.35 -6.73
N ALA A 809 -20.58 -4.58 -7.06
CA ALA A 809 -21.75 -4.43 -6.19
C ALA A 809 -22.41 -5.79 -5.96
N GLN A 810 -22.37 -6.65 -6.97
CA GLN A 810 -22.94 -7.99 -6.85
C GLN A 810 -21.98 -8.89 -6.05
N ILE A 811 -20.67 -8.71 -6.25
CA ILE A 811 -19.68 -9.51 -5.53
C ILE A 811 -19.79 -9.26 -4.03
N GLU A 812 -20.00 -8.01 -3.66
CA GLU A 812 -20.15 -7.57 -2.28
C GLU A 812 -21.22 -8.38 -1.55
N ASN A 813 -22.43 -8.38 -2.11
CA ASN A 813 -23.54 -9.12 -1.53
C ASN A 813 -23.15 -10.59 -1.45
N LYS A 814 -22.48 -11.06 -2.50
CA LYS A 814 -22.03 -12.44 -2.60
C LYS A 814 -21.11 -12.83 -1.44
N LEU A 815 -20.18 -11.94 -1.09
CA LEU A 815 -19.26 -12.18 0.01
C LEU A 815 -20.00 -12.13 1.33
N SER A 816 -21.00 -11.25 1.40
CA SER A 816 -21.81 -11.07 2.60
C SER A 816 -22.64 -12.31 2.98
N GLU A 817 -23.05 -13.09 1.99
CA GLU A 817 -23.82 -14.29 2.27
C GLU A 817 -22.91 -15.45 2.71
N ARG A 818 -21.62 -15.37 2.36
CA ARG A 818 -20.64 -16.40 2.73
C ARG A 818 -20.35 -16.29 4.22
N ASN A 819 -20.34 -15.05 4.71
CA ASN A 819 -20.11 -14.76 6.12
C ASN A 819 -21.29 -15.20 6.98
N ASN A 820 -22.44 -15.38 6.35
CA ASN A 820 -23.65 -15.84 7.05
C ASN A 820 -23.81 -17.35 6.86
N ASP A 821 -22.86 -17.97 6.15
CA ASP A 821 -22.91 -19.42 5.93
C ASP A 821 -22.13 -20.11 7.02
N GLU A 822 -22.85 -20.78 7.92
CA GLU A 822 -22.23 -21.49 9.04
C GLU A 822 -21.37 -22.72 8.74
N LYS A 823 -21.37 -23.17 7.48
CA LYS A 823 -20.55 -24.32 7.10
C LYS A 823 -19.13 -23.85 6.78
N LEU A 824 -18.99 -22.55 6.49
CA LEU A 824 -17.70 -21.95 6.16
C LEU A 824 -17.12 -21.26 7.37
N ARG A 825 -16.87 -21.99 8.46
CA ARG A 825 -16.37 -21.28 9.64
C ARG A 825 -14.93 -20.78 9.78
N ASN A 826 -14.16 -20.90 8.70
CA ASN A 826 -12.80 -20.36 8.70
C ASN A 826 -12.97 -18.86 8.43
N ARG A 827 -14.19 -18.47 8.08
CA ARG A 827 -14.52 -17.09 7.78
C ARG A 827 -14.74 -16.28 9.05
N CYS A 828 -15.07 -16.95 10.15
CA CYS A 828 -15.32 -16.32 11.45
C CYS A 828 -14.36 -16.79 12.55
N GLY A 829 -14.30 -18.10 12.75
CA GLY A 829 -13.42 -18.66 13.77
C GLY A 829 -13.97 -18.48 15.17
N PRO A 830 -13.29 -19.00 16.21
CA PRO A 830 -13.77 -18.86 17.60
C PRO A 830 -13.81 -17.39 18.03
N VAL A 831 -13.05 -16.57 17.31
CA VAL A 831 -12.99 -15.14 17.59
C VAL A 831 -14.23 -14.40 17.06
N GLN A 832 -15.06 -15.11 16.29
CA GLN A 832 -16.30 -14.59 15.68
C GLN A 832 -16.04 -13.27 14.95
N MET A 833 -15.14 -13.34 13.98
CA MET A 833 -14.71 -12.18 13.20
C MET A 833 -14.86 -12.47 11.70
N PRO A 834 -16.08 -12.28 11.14
CA PRO A 834 -16.41 -12.51 9.72
C PRO A 834 -15.43 -11.82 8.79
N TYR A 835 -14.89 -12.57 7.83
CA TYR A 835 -13.92 -12.03 6.87
C TYR A 835 -14.59 -11.01 5.94
N THR A 836 -14.36 -9.73 6.21
CA THR A 836 -14.94 -8.63 5.47
C THR A 836 -13.87 -7.76 4.78
N LEU A 837 -12.60 -8.16 4.92
CA LEU A 837 -11.45 -7.46 4.36
C LEU A 837 -11.50 -7.27 2.85
N LEU A 838 -12.16 -8.20 2.16
CA LEU A 838 -12.23 -8.11 0.71
C LEU A 838 -13.53 -7.50 0.14
N LEU A 839 -14.33 -6.90 1.02
CA LEU A 839 -15.55 -6.21 0.59
C LEU A 839 -15.06 -4.90 -0.02
N PRO A 840 -15.55 -4.54 -1.22
CA PRO A 840 -15.14 -3.32 -1.92
C PRO A 840 -15.37 -1.99 -1.23
N SER A 841 -16.58 -1.77 -0.71
CA SER A 841 -16.92 -0.51 -0.07
C SER A 841 -16.79 -0.46 1.45
N SER A 842 -16.58 0.74 1.95
CA SER A 842 -16.42 1.02 3.36
C SER A 842 -16.80 2.48 3.59
N LYS A 843 -17.06 2.81 4.85
CA LYS A 843 -17.45 4.15 5.24
C LYS A 843 -16.27 5.09 5.53
N GLU A 844 -15.47 4.74 6.52
CA GLU A 844 -14.30 5.53 6.95
C GLU A 844 -13.88 5.01 8.32
N GLY A 845 -12.63 5.24 8.69
CA GLY A 845 -12.15 4.77 9.98
C GLY A 845 -11.60 3.35 10.01
N LEU A 846 -11.59 2.77 11.21
CA LEU A 846 -11.08 1.41 11.43
C LEU A 846 -12.16 0.41 11.04
N THR A 847 -12.39 0.30 9.73
CA THR A 847 -13.37 -0.62 9.18
C THR A 847 -12.62 -1.80 8.57
N PHE A 848 -12.89 -2.99 9.09
CA PHE A 848 -12.27 -4.23 8.66
C PHE A 848 -12.82 -4.62 7.26
N ARG A 849 -12.79 -3.66 6.32
CA ARG A 849 -13.30 -3.84 4.96
C ARG A 849 -12.97 -2.66 4.05
N GLY A 850 -13.28 -2.77 2.77
CA GLY A 850 -13.03 -1.67 1.86
C GLY A 850 -11.77 -1.83 1.04
N ILE A 851 -11.92 -1.81 -0.29
CA ILE A 851 -10.81 -1.93 -1.24
C ILE A 851 -10.55 -0.64 -2.03
N PRO A 852 -9.60 0.19 -1.57
CA PRO A 852 -9.28 1.44 -2.27
C PRO A 852 -8.66 1.13 -3.62
N ASN A 853 -8.75 2.09 -4.54
CA ASN A 853 -8.20 1.93 -5.89
C ASN A 853 -6.67 1.81 -5.92
N SER A 854 -6.02 2.39 -4.92
CA SER A 854 -4.57 2.41 -4.86
C SER A 854 -3.99 2.25 -3.45
N ILE A 855 -2.66 2.19 -3.40
CA ILE A 855 -1.90 2.08 -2.16
C ILE A 855 -1.77 3.50 -1.62
N SER A 856 -2.71 3.89 -0.74
CA SER A 856 -2.75 5.24 -0.18
C SER A 856 -2.39 5.37 1.30
N ILE A 857 -2.07 4.25 1.95
CA ILE A 857 -1.71 4.27 3.38
C ILE A 857 -0.89 3.04 3.79
FE FE B . 0.31 0.36 3.29
C1 4HM C . 5.61 -0.25 6.94
C2 4HM C . 5.91 0.01 5.59
C3 4HM C . 4.99 0.65 4.78
C4 4HM C . 3.73 1.03 5.32
C5 4HM C . 3.43 0.78 6.66
C6 4HM C . 4.37 0.14 7.48
O7 4HM C . 2.81 1.64 4.54
O8 4HM C . 1.38 1.35 4.67
O9 4HM C . 7.11 -0.37 5.14
O10 4HM C . 6.51 -0.88 7.75
C11 4HM C . 8.38 0.08 5.51
#